data_4FQH
#
_entry.id   4FQH
#
_cell.length_a   85.332
_cell.length_b   141.667
_cell.length_c   70.247
_cell.angle_alpha   90.00
_cell.angle_beta   90.00
_cell.angle_gamma   90.00
#
_symmetry.space_group_name_H-M   'P 21 21 2'
#
loop_
_entity.id
_entity.type
_entity.pdbx_description
1 polymer 'antibody CR9114 heavy chain'
2 polymer 'antibody CR9114 light chain'
3 non-polymer 1,2-ETHANEDIOL
4 non-polymer 'NITRATE ION'
5 water water
#
loop_
_entity_poly.entity_id
_entity_poly.type
_entity_poly.pdbx_seq_one_letter_code
_entity_poly.pdbx_strand_id
1 'polypeptide(L)'
;QVQLVQSGAEVKKPGSSVKVSCKSSGGTSNNYAISWVRQAPGQGLDWMGGISPIFGSTAYAQKFQGRVTISADIFSNTAY
MELNSLTSEDTAVYFCARHGNYYYYSGMDVWGQGTTVTVSSASTKGPSVFPLAPSSKSTSGGTAALGCLVKDYFPEPVTV
SWNSGALTSGVHTFPAVLQSSGLYSLSSVVTVPSSSLGTQTYICNVNHKPSNTKVDKRVEPKSCHHHHHH
;
H,A
2 'polypeptide(L)'
;QSALTQPPAVSGTPGQRVTISCSGSDSNIGRRSVNWYQQFPGTAPKLLIYSNDQRPSVVPDRFSGSKSGTSASLAISGLQ
SEDEAEYYCAAWDDSLKGAVFGGGTQLTVLGQPKAAPSVTLFPPSSEELQANKATLVCLISDFYPGAVTVAWKADSSPVK
AGVETTTPSKQSNNKYAASSYLSLTPEQWKSHRSYSCQVTHEGSTVEKTVAPTECS
;
L,B
#
loop_
_chem_comp.id
_chem_comp.type
_chem_comp.name
_chem_comp.formula
EDO non-polymer 1,2-ETHANEDIOL 'C2 H6 O2'
NO3 non-polymer 'NITRATE ION' 'N O3 -1'
#
# COMPACT_ATOMS: atom_id res chain seq x y z
N VAL A 2 8.46 13.50 -8.20
CA VAL A 2 7.88 14.82 -8.00
C VAL A 2 8.33 15.45 -6.70
N GLN A 3 8.51 16.77 -6.74
CA GLN A 3 9.02 17.48 -5.57
C GLN A 3 8.17 18.70 -5.37
N LEU A 4 7.90 19.01 -4.11
CA LEU A 4 7.23 20.24 -3.75
C LEU A 4 8.30 21.22 -3.23
N VAL A 5 8.36 22.39 -3.85
CA VAL A 5 9.36 23.38 -3.48
C VAL A 5 8.66 24.64 -2.96
N GLN A 6 9.06 25.11 -1.77
CA GLN A 6 8.39 26.25 -1.16
C GLN A 6 9.24 27.52 -1.26
N SER A 7 8.60 28.68 -1.13
CA SER A 7 9.31 29.95 -1.15
C SER A 7 10.17 30.13 0.11
N GLY A 8 11.05 31.14 0.11
CA GLY A 8 12.03 31.29 1.17
C GLY A 8 11.50 31.86 2.48
N ALA A 9 12.33 31.88 3.52
CA ALA A 9 11.90 32.33 4.85
C ALA A 9 11.40 33.75 4.82
N GLU A 10 10.46 34.05 5.72
CA GLU A 10 9.80 35.34 5.74
C GLU A 10 9.91 35.94 7.12
N VAL A 11 10.14 37.25 7.18
CA VAL A 11 10.00 37.96 8.45
C VAL A 11 8.91 39.01 8.28
N LYS A 12 7.98 39.05 9.23
CA LYS A 12 6.79 39.88 9.10
C LYS A 12 6.47 40.60 10.43
N LYS A 13 5.89 41.79 10.33
CA LYS A 13 5.48 42.56 11.48
C LYS A 13 4.10 42.08 11.96
N PRO A 14 3.82 42.24 13.26
CA PRO A 14 2.48 41.89 13.74
C PRO A 14 1.41 42.69 13.01
N GLY A 15 0.30 42.03 12.68
CA GLY A 15 -0.79 42.67 11.95
C GLY A 15 -0.68 42.48 10.45
N SER A 16 0.53 42.25 9.95
CA SER A 16 0.74 42.03 8.51
C SER A 16 0.24 40.66 8.01
N SER A 17 0.36 40.45 6.70
CA SER A 17 -0.03 39.22 6.01
C SER A 17 1.20 38.52 5.46
N VAL A 18 1.19 37.18 5.39
CA VAL A 18 2.24 36.44 4.71
C VAL A 18 1.64 35.56 3.62
N LYS A 19 2.29 35.51 2.46
CA LYS A 19 1.91 34.57 1.41
C LYS A 19 3.05 33.61 1.03
N VAL A 20 2.88 32.34 1.39
CA VAL A 20 3.87 31.30 1.14
C VAL A 20 3.48 30.50 -0.10
N SER A 21 4.46 30.22 -0.95
CA SER A 21 4.22 29.60 -2.24
C SER A 21 4.70 28.15 -2.21
N CYS A 22 4.04 27.28 -2.98
CA CYS A 22 4.45 25.90 -3.09
C CYS A 22 4.34 25.51 -4.54
N LYS A 23 5.46 25.14 -5.15
CA LYS A 23 5.43 24.70 -6.53
C LYS A 23 5.76 23.22 -6.63
N SER A 24 5.04 22.53 -7.49
CA SER A 24 5.40 21.16 -7.80
C SER A 24 6.32 21.18 -8.99
N SER A 25 7.59 20.87 -8.76
CA SER A 25 8.54 20.69 -9.85
C SER A 25 8.50 19.22 -10.27
N GLY A 26 8.71 18.99 -11.56
CA GLY A 26 8.65 17.64 -12.10
C GLY A 26 7.23 17.20 -12.48
N GLY A 27 6.38 18.17 -12.83
CA GLY A 27 5.05 17.88 -13.32
C GLY A 27 3.95 18.39 -12.40
N THR A 28 2.74 18.53 -12.96
CA THR A 28 1.59 19.11 -12.25
C THR A 28 1.12 18.34 -10.98
N SER A 29 0.65 19.10 -9.99
CA SER A 29 0.11 18.56 -8.76
C SER A 29 -1.35 19.00 -8.63
N ASN A 30 -1.90 19.49 -9.74
CA ASN A 30 -3.29 19.97 -9.78
C ASN A 30 -4.35 18.88 -9.63
N ASN A 31 -3.98 17.65 -10.00
CA ASN A 31 -4.92 16.54 -9.91
C ASN A 31 -5.00 15.90 -8.52
N TYR A 32 -4.30 16.47 -7.56
CA TYR A 32 -4.31 15.95 -6.20
C TYR A 32 -4.53 17.03 -5.17
N ALA A 33 -5.10 16.66 -4.03
CA ALA A 33 -5.29 17.61 -2.95
C ALA A 33 -3.93 18.10 -2.37
N ILE A 34 -3.91 19.34 -1.92
CA ILE A 34 -2.75 19.90 -1.24
C ILE A 34 -3.18 20.53 0.09
N SER A 35 -2.45 20.23 1.15
CA SER A 35 -2.71 20.78 2.48
C SER A 35 -1.56 21.65 2.91
N TRP A 36 -1.88 22.62 3.78
CA TRP A 36 -0.89 23.40 4.51
C TRP A 36 -0.92 23.02 5.98
N VAL A 37 0.26 22.72 6.50
CA VAL A 37 0.41 22.25 7.88
C VAL A 37 1.51 23.10 8.49
N ARG A 38 1.32 23.57 9.71
CA ARG A 38 2.37 24.36 10.34
C ARG A 38 2.80 23.68 11.61
N GLN A 39 3.97 24.11 12.10
CA GLN A 39 4.59 23.56 13.29
C GLN A 39 5.25 24.71 14.02
N ALA A 40 4.67 25.12 15.14
CA ALA A 40 5.26 26.14 16.00
C ALA A 40 6.43 25.51 16.75
N PRO A 41 7.48 26.29 17.04
CA PRO A 41 8.69 25.69 17.59
C PRO A 41 8.44 24.81 18.82
N GLY A 42 8.93 23.57 18.80
CA GLY A 42 8.73 22.66 19.91
C GLY A 42 7.32 22.08 20.01
N GLN A 43 6.48 22.39 19.04
CA GLN A 43 5.10 21.90 19.03
CA GLN A 43 5.12 21.87 19.06
C GLN A 43 4.89 20.87 17.93
N GLY A 44 3.68 20.33 17.86
CA GLY A 44 3.35 19.32 16.88
C GLY A 44 2.76 19.88 15.58
N LEU A 45 2.50 18.98 14.64
CA LEU A 45 1.91 19.35 13.36
C LEU A 45 0.49 19.87 13.55
N ASP A 46 0.15 20.92 12.83
CA ASP A 46 -1.15 21.58 12.95
C ASP A 46 -1.72 21.85 11.57
N TRP A 47 -2.81 21.16 11.21
CA TRP A 47 -3.43 21.37 9.90
C TRP A 47 -4.09 22.74 9.79
N MET A 48 -3.76 23.48 8.75
CA MET A 48 -4.40 24.77 8.53
C MET A 48 -5.60 24.69 7.61
N GLY A 49 -5.49 23.88 6.56
CA GLY A 49 -6.55 23.76 5.59
C GLY A 49 -5.99 23.13 4.35
N GLY A 50 -6.85 22.92 3.36
CA GLY A 50 -6.46 22.23 2.15
C GLY A 50 -7.15 22.80 0.94
N ILE A 51 -6.70 22.42 -0.24
CA ILE A 51 -7.38 22.78 -1.48
C ILE A 51 -7.37 21.58 -2.41
N SER A 52 -8.45 21.35 -3.14
CA SER A 52 -8.45 20.30 -4.14
C SER A 52 -9.02 20.90 -5.42
N PRO A 53 -8.14 21.36 -6.32
CA PRO A 53 -8.60 22.13 -7.49
C PRO A 53 -9.45 21.34 -8.48
N ILE A 54 -9.28 20.15 -8.46
CA ILE A 54 -10.15 19.44 -9.39
C ILE A 54 -11.62 19.66 -9.05
N PHE A 55 -11.94 19.67 -7.76
CA PHE A 55 -13.30 19.89 -7.31
C PHE A 55 -13.57 21.36 -7.05
N GLY A 56 -12.53 22.18 -7.18
CA GLY A 56 -12.67 23.60 -6.91
C GLY A 56 -13.12 23.78 -5.48
N SER A 57 -12.59 22.93 -4.59
CA SER A 57 -12.98 22.97 -3.19
C SER A 57 -11.81 23.28 -2.25
N THR A 58 -12.13 23.99 -1.18
CA THR A 58 -11.15 24.35 -0.16
C THR A 58 -11.76 24.10 1.21
N ALA A 59 -10.95 23.67 2.17
CA ALA A 59 -11.43 23.44 3.51
C ALA A 59 -10.42 24.04 4.47
N TYR A 60 -10.89 24.46 5.64
CA TYR A 60 -10.05 25.15 6.62
C TYR A 60 -10.30 24.58 8.02
N ALA A 61 -9.23 24.50 8.82
CA ALA A 61 -9.36 24.20 10.23
C ALA A 61 -10.15 25.35 10.86
N GLN A 62 -10.98 25.00 11.84
CA GLN A 62 -11.82 25.99 12.50
C GLN A 62 -11.01 27.16 13.07
N LYS A 63 -9.92 26.85 13.75
CA LYS A 63 -9.08 27.83 14.45
C LYS A 63 -8.44 28.89 13.54
N PHE A 64 -8.41 28.64 12.23
CA PHE A 64 -7.81 29.56 11.27
C PHE A 64 -8.83 30.18 10.31
N GLN A 65 -10.08 29.71 10.42
CA GLN A 65 -11.20 30.20 9.61
C GLN A 65 -11.31 31.71 9.65
N GLY A 66 -11.35 32.34 8.48
CA GLY A 66 -11.47 33.77 8.41
C GLY A 66 -10.13 34.49 8.57
N ARG A 67 -9.05 33.72 8.61
CA ARG A 67 -7.73 34.34 8.70
C ARG A 67 -6.77 33.80 7.65
N VAL A 68 -6.99 32.56 7.22
CA VAL A 68 -6.13 31.95 6.21
C VAL A 68 -6.90 31.79 4.90
N THR A 69 -6.18 31.96 3.80
CA THR A 69 -6.71 31.77 2.47
C THR A 69 -5.75 30.88 1.71
N ILE A 70 -6.23 29.74 1.28
CA ILE A 70 -5.43 28.84 0.50
C ILE A 70 -5.94 28.92 -0.94
N SER A 71 -5.01 29.01 -1.88
CA SER A 71 -5.37 29.15 -3.28
C SER A 71 -4.44 28.33 -4.15
N ALA A 72 -4.83 28.15 -5.41
CA ALA A 72 -4.02 27.43 -6.36
C ALA A 72 -4.08 28.14 -7.70
N ASP A 73 -2.90 28.43 -8.24
CA ASP A 73 -2.80 28.91 -9.61
C ASP A 73 -2.71 27.66 -10.47
N ILE A 74 -3.84 27.25 -11.01
CA ILE A 74 -3.94 26.05 -11.83
C ILE A 74 -3.08 26.16 -13.09
N PHE A 75 -2.90 27.38 -13.61
CA PHE A 75 -2.05 27.55 -14.77
C PHE A 75 -0.55 27.32 -14.48
N SER A 76 -0.06 27.88 -13.38
CA SER A 76 1.35 27.80 -13.05
C SER A 76 1.73 26.58 -12.22
N ASN A 77 0.74 25.80 -11.82
CA ASN A 77 0.94 24.64 -10.92
C ASN A 77 1.57 25.03 -9.57
N THR A 78 1.05 26.09 -8.97
CA THR A 78 1.52 26.57 -7.66
C THR A 78 0.34 26.73 -6.71
N ALA A 79 0.51 26.30 -5.47
CA ALA A 79 -0.46 26.53 -4.44
C ALA A 79 0.08 27.59 -3.51
N TYR A 80 -0.80 28.27 -2.79
CA TYR A 80 -0.38 29.36 -1.92
C TYR A 80 -1.11 29.28 -0.61
N MET A 81 -0.49 29.81 0.43
CA MET A 81 -1.18 29.95 1.69
C MET A 81 -0.97 31.37 2.17
N GLU A 82 -2.07 32.07 2.40
CA GLU A 82 -1.98 33.43 2.90
C GLU A 82 -2.59 33.52 4.28
N LEU A 83 -1.80 34.01 5.24
CA LEU A 83 -2.25 34.10 6.61
C LEU A 83 -2.18 35.58 6.92
N ASN A 84 -3.27 36.09 7.49
N ASN A 84 -3.29 36.13 7.43
CA ASN A 84 -3.42 37.51 7.79
CA ASN A 84 -3.31 37.54 7.77
C ASN A 84 -3.41 37.78 9.28
C ASN A 84 -3.40 37.79 9.27
N SER A 85 -3.35 39.06 9.63
CA SER A 85 -3.36 39.50 11.03
C SER A 85 -2.35 38.75 11.88
N LEU A 86 -1.11 38.73 11.43
CA LEU A 86 -0.08 37.92 12.07
C LEU A 86 0.25 38.39 13.48
N THR A 87 0.35 37.42 14.39
CA THR A 87 0.93 37.65 15.71
C THR A 87 2.12 36.71 15.90
N SER A 88 2.72 36.82 17.08
CA SER A 88 3.92 36.03 17.38
C SER A 88 3.60 34.55 17.51
N GLU A 89 2.37 34.22 17.91
CA GLU A 89 1.86 32.84 17.87
C GLU A 89 1.84 32.20 16.47
N ASP A 90 2.07 32.97 15.43
CA ASP A 90 2.11 32.50 14.06
C ASP A 90 3.55 32.25 13.59
N THR A 91 4.52 32.57 14.44
CA THR A 91 5.92 32.21 14.15
C THR A 91 6.02 30.69 14.14
N ALA A 92 6.38 30.13 12.98
CA ALA A 92 6.40 28.68 12.79
C ALA A 92 7.00 28.32 11.42
N VAL A 93 7.17 27.02 11.21
CA VAL A 93 7.52 26.50 9.89
C VAL A 93 6.21 26.09 9.24
N TYR A 94 6.04 26.50 7.99
CA TYR A 94 4.81 26.19 7.24
C TYR A 94 5.15 25.20 6.12
N PHE A 95 4.49 24.05 6.16
CA PHE A 95 4.69 23.02 5.14
C PHE A 95 3.56 22.97 4.15
N CYS A 96 3.88 22.82 2.88
CA CYS A 96 2.90 22.33 1.97
C CYS A 96 3.11 20.85 1.80
N ALA A 97 2.05 20.12 1.58
CA ALA A 97 2.15 18.69 1.36
C ALA A 97 1.05 18.22 0.42
N ARG A 98 1.41 17.32 -0.49
CA ARG A 98 0.47 16.78 -1.44
C ARG A 98 -0.11 15.43 -0.97
N HIS A 99 -1.42 15.29 -1.08
CA HIS A 99 -2.10 14.05 -0.74
C HIS A 99 -1.93 13.03 -1.86
N GLY A 100 -2.23 11.77 -1.55
CA GLY A 100 -2.13 10.70 -2.53
C GLY A 100 -3.27 10.63 -3.51
N ASN A 101 -4.39 11.28 -3.22
CA ASN A 101 -5.53 11.36 -4.17
C ASN A 101 -6.19 12.73 -4.12
N TYR A 102 -7.45 12.83 -4.55
CA TYR A 102 -8.16 14.12 -4.63
C TYR A 102 -8.60 14.64 -3.26
N TYR A 103 -8.43 13.83 -2.24
CA TYR A 103 -9.12 14.05 -0.98
C TYR A 103 -8.19 14.28 0.19
N TYR A 104 -8.66 15.10 1.14
CA TYR A 104 -7.91 15.45 2.34
C TYR A 104 -7.75 14.33 3.36
N TYR A 105 -8.49 13.23 3.20
CA TYR A 105 -8.35 12.09 4.12
C TYR A 105 -7.09 11.25 3.82
N SER A 106 -6.61 11.31 2.57
CA SER A 106 -5.48 10.46 2.14
C SER A 106 -4.16 10.91 2.79
N GLY A 107 -3.20 9.98 2.87
CA GLY A 107 -1.89 10.30 3.38
C GLY A 107 -1.25 11.39 2.53
N MET A 108 -0.48 12.26 3.17
CA MET A 108 0.27 13.27 2.45
C MET A 108 1.65 12.72 2.15
N ASP A 109 1.85 12.33 0.89
CA ASP A 109 3.02 11.55 0.54
C ASP A 109 4.19 12.35 -0.01
N VAL A 110 3.94 13.59 -0.42
CA VAL A 110 5.00 14.48 -0.88
C VAL A 110 4.94 15.76 -0.07
N TRP A 111 6.03 16.11 0.59
CA TRP A 111 6.04 17.30 1.42
C TRP A 111 7.00 18.34 0.86
N GLY A 112 6.65 19.62 0.97
CA GLY A 112 7.58 20.68 0.67
C GLY A 112 8.64 20.76 1.75
N GLN A 113 9.71 21.52 1.53
CA GLN A 113 10.80 21.58 2.51
C GLN A 113 10.47 22.42 3.77
N GLY A 114 9.36 23.16 3.72
CA GLY A 114 9.01 24.03 4.82
C GLY A 114 9.46 25.45 4.57
N THR A 115 8.73 26.39 5.15
CA THR A 115 9.07 27.81 5.09
C THR A 115 8.95 28.38 6.48
N THR A 116 10.05 28.90 7.01
CA THR A 116 10.04 29.54 8.31
C THR A 116 9.47 30.94 8.19
N VAL A 117 8.43 31.20 8.95
CA VAL A 117 7.88 32.54 9.04
C VAL A 117 8.10 33.04 10.45
N THR A 118 8.78 34.18 10.58
CA THR A 118 8.98 34.79 11.89
C THR A 118 8.18 36.08 12.02
N VAL A 119 7.35 36.14 13.05
CA VAL A 119 6.54 37.33 13.28
C VAL A 119 7.09 38.13 14.45
N SER A 120 7.62 39.32 14.13
CA SER A 120 8.35 40.15 15.08
C SER A 120 8.18 41.63 14.75
N SER A 121 8.02 42.46 15.78
CA SER A 121 7.92 43.90 15.58
C SER A 121 9.29 44.53 15.42
N ALA A 122 10.35 43.71 15.41
CA ALA A 122 11.71 44.23 15.32
C ALA A 122 12.10 44.50 13.88
N SER A 123 13.05 45.40 13.72
CA SER A 123 13.65 45.65 12.43
C SER A 123 15.07 45.15 12.55
N THR A 124 15.82 45.27 11.47
CA THR A 124 17.20 44.89 11.44
C THR A 124 18.05 45.58 12.52
N LYS A 125 18.84 44.79 13.24
CA LYS A 125 19.64 45.32 14.33
C LYS A 125 20.80 44.38 14.63
N GLY A 126 22.00 44.94 14.78
CA GLY A 126 23.18 44.14 15.07
C GLY A 126 23.23 43.80 16.53
N PRO A 127 23.94 42.70 16.87
CA PRO A 127 23.97 42.30 18.29
C PRO A 127 24.91 43.16 19.14
N SER A 128 24.58 43.30 20.42
CA SER A 128 25.58 43.70 21.38
C SER A 128 26.33 42.41 21.69
N VAL A 129 27.64 42.47 21.87
CA VAL A 129 28.38 41.27 22.22
C VAL A 129 29.05 41.42 23.57
N PHE A 130 28.75 40.54 24.52
CA PHE A 130 29.44 40.57 25.83
C PHE A 130 30.30 39.33 26.08
N PRO A 131 31.48 39.52 26.70
CA PRO A 131 32.35 38.38 27.01
C PRO A 131 31.87 37.67 28.26
N LEU A 132 31.88 36.35 28.23
CA LEU A 132 31.49 35.55 29.38
C LEU A 132 32.71 34.84 29.97
N ALA A 133 33.11 35.25 31.17
CA ALA A 133 34.32 34.72 31.78
C ALA A 133 34.04 33.80 32.97
N PRO A 134 34.91 32.86 33.21
CA PRO A 134 34.85 32.00 34.37
C PRO A 134 35.53 32.64 35.56
N SER A 135 35.39 32.12 36.76
CA SER A 135 36.32 32.54 37.84
C SER A 135 36.62 31.41 38.81
N SER A 136 35.76 30.40 38.84
CA SER A 136 36.08 29.23 39.62
C SER A 136 36.11 28.02 38.69
N LYS A 137 35.81 28.26 37.42
CA LYS A 137 35.82 27.20 36.41
C LYS A 137 37.24 26.67 36.21
N SER A 138 38.19 27.60 36.24
CA SER A 138 39.58 27.37 36.00
C SER A 138 40.16 26.69 37.22
N THR A 139 39.75 25.45 37.44
CA THR A 139 40.25 24.66 38.56
C THR A 139 40.23 23.18 38.18
N SER A 140 41.28 22.44 38.57
CA SER A 140 42.44 22.98 39.27
C SER A 140 43.75 22.25 38.97
N GLY A 141 44.09 21.94 37.72
CA GLY A 141 43.21 22.05 36.56
C GLY A 141 43.38 20.92 35.56
N GLY A 142 42.41 20.78 34.66
CA GLY A 142 41.33 21.75 34.72
C GLY A 142 41.15 22.45 33.39
N THR A 143 39.89 22.50 32.96
CA THR A 143 39.53 23.31 31.81
C THR A 143 38.59 24.41 32.31
N ALA A 144 38.44 25.43 31.47
CA ALA A 144 37.64 26.59 31.81
C ALA A 144 36.73 26.92 30.61
N ALA A 145 35.49 27.30 30.88
CA ALA A 145 34.55 27.73 29.84
C ALA A 145 34.55 29.24 29.67
N LEU A 146 34.93 29.68 28.48
CA LEU A 146 34.87 31.06 28.08
C LEU A 146 33.74 31.26 27.07
N GLY A 147 32.99 32.34 27.16
CA GLY A 147 31.93 32.55 26.21
C GLY A 147 31.73 33.97 25.72
N CYS A 148 30.94 34.12 24.67
CA CYS A 148 30.51 35.41 24.25
C CYS A 148 29.00 35.45 23.98
N LEU A 149 28.33 36.36 24.67
CA LEU A 149 26.89 36.53 24.56
C LEU A 149 26.54 37.49 23.42
N VAL A 150 25.82 36.97 22.43
CA VAL A 150 25.45 37.73 21.26
C VAL A 150 24.00 38.18 21.40
N LYS A 151 23.82 39.36 21.98
CA LYS A 151 22.54 39.80 22.51
C LYS A 151 21.72 40.72 21.57
N ASP A 152 20.41 40.46 21.49
CA ASP A 152 19.42 41.36 20.87
C ASP A 152 19.69 41.74 19.41
N TYR A 153 19.74 40.74 18.54
CA TYR A 153 19.92 41.05 17.13
C TYR A 153 18.69 40.61 16.36
N PHE A 154 18.61 41.04 15.10
CA PHE A 154 17.52 40.68 14.22
C PHE A 154 17.89 41.04 12.79
N PRO A 155 17.55 40.19 11.82
CA PRO A 155 16.87 38.92 12.02
C PRO A 155 17.99 37.88 11.97
N GLU A 156 17.68 36.60 11.90
CA GLU A 156 18.72 35.57 11.81
C GLU A 156 19.38 35.77 10.44
N PRO A 157 20.64 35.36 10.29
CA PRO A 157 21.41 34.66 11.32
C PRO A 157 22.77 35.31 11.52
N VAL A 158 23.42 34.98 12.64
CA VAL A 158 24.72 35.51 12.96
C VAL A 158 25.74 34.38 13.07
N THR A 159 26.95 34.60 12.56
CA THR A 159 27.96 33.56 12.63
C THR A 159 29.02 33.96 13.68
N VAL A 160 29.61 32.95 14.32
CA VAL A 160 30.59 33.19 15.37
C VAL A 160 31.79 32.26 15.22
N SER A 161 33.00 32.83 15.25
CA SER A 161 34.21 32.03 15.30
C SER A 161 35.09 32.53 16.46
N TRP A 162 36.15 31.78 16.77
CA TRP A 162 37.08 32.17 17.82
C TRP A 162 38.49 32.32 17.26
N ASN A 163 39.20 33.36 17.71
CA ASN A 163 40.56 33.64 17.25
C ASN A 163 40.67 33.67 15.71
N SER A 164 39.73 34.37 15.06
CA SER A 164 39.67 34.48 13.59
C SER A 164 39.65 33.16 12.86
N GLY A 165 39.16 32.12 13.53
CA GLY A 165 39.01 30.83 12.91
C GLY A 165 40.03 29.80 13.37
N ALA A 166 41.09 30.28 14.05
CA ALA A 166 42.22 29.42 14.41
C ALA A 166 41.82 28.46 15.52
N LEU A 167 40.80 28.85 16.27
CA LEU A 167 40.36 28.05 17.40
C LEU A 167 39.04 27.35 17.10
N THR A 168 39.12 26.02 16.91
CA THR A 168 37.96 25.20 16.64
C THR A 168 37.76 24.13 17.74
N SER A 169 38.84 23.72 18.39
CA SER A 169 38.73 22.75 19.47
C SER A 169 37.96 23.32 20.66
N GLY A 170 36.90 22.63 21.07
CA GLY A 170 36.16 23.04 22.26
C GLY A 170 35.11 24.11 22.03
N VAL A 171 34.90 24.54 20.80
CA VAL A 171 33.86 25.52 20.47
C VAL A 171 32.51 24.89 20.33
N HIS A 172 31.52 25.43 21.03
CA HIS A 172 30.11 25.08 20.81
C HIS A 172 29.32 26.39 20.72
N THR A 173 28.76 26.64 19.55
CA THR A 173 27.84 27.75 19.38
C THR A 173 26.41 27.22 19.46
N PHE A 174 25.61 27.82 20.33
CA PHE A 174 24.27 27.32 20.62
C PHE A 174 23.26 28.03 19.71
N PRO A 175 22.20 27.32 19.29
CA PRO A 175 21.06 27.94 18.57
C PRO A 175 20.46 29.13 19.31
N ALA A 176 19.98 30.14 18.56
CA ALA A 176 19.37 31.32 19.16
C ALA A 176 18.06 31.08 19.88
N VAL A 177 17.81 31.88 20.90
CA VAL A 177 16.47 32.01 21.48
C VAL A 177 15.78 33.22 20.82
N LEU A 178 14.50 33.12 20.48
CA LEU A 178 13.77 34.34 20.10
C LEU A 178 12.98 34.80 21.32
N GLN A 179 13.32 35.99 21.79
CA GLN A 179 12.80 36.53 23.03
C GLN A 179 11.46 37.19 22.77
N SER A 180 10.67 37.36 23.83
CA SER A 180 9.35 37.94 23.69
C SER A 180 9.41 39.40 23.18
N SER A 181 10.61 39.98 23.18
CA SER A 181 10.80 41.30 22.58
C SER A 181 10.78 41.26 21.05
N GLY A 182 11.03 40.09 20.46
CA GLY A 182 11.07 39.97 19.02
C GLY A 182 12.48 40.03 18.48
N LEU A 183 13.46 40.05 19.37
CA LEU A 183 14.87 39.99 19.00
C LEU A 183 15.50 38.68 19.42
N TYR A 184 16.56 38.26 18.75
CA TYR A 184 17.27 37.04 19.10
C TYR A 184 18.49 37.29 20.00
N SER A 185 18.86 36.26 20.75
CA SER A 185 20.17 36.19 21.39
C SER A 185 20.70 34.76 21.31
N LEU A 186 22.01 34.62 21.20
CA LEU A 186 22.67 33.31 21.29
C LEU A 186 23.99 33.42 22.06
N SER A 187 24.61 32.27 22.34
CA SER A 187 25.92 32.25 22.98
C SER A 187 26.81 31.24 22.30
N SER A 188 28.09 31.58 22.22
CA SER A 188 29.11 30.62 21.81
C SER A 188 30.00 30.40 23.01
N VAL A 189 30.46 29.17 23.22
CA VAL A 189 31.40 28.90 24.30
C VAL A 189 32.55 28.15 23.71
N VAL A 190 33.76 28.44 24.21
CA VAL A 190 34.89 27.56 23.94
C VAL A 190 35.43 27.06 25.28
N THR A 191 35.69 25.77 25.36
CA THR A 191 36.28 25.24 26.55
C THR A 191 37.76 25.07 26.28
N VAL A 192 38.57 25.69 27.15
CA VAL A 192 40.02 25.73 26.97
C VAL A 192 40.72 25.20 28.22
N PRO A 193 41.97 24.72 28.07
CA PRO A 193 42.70 24.37 29.29
C PRO A 193 42.93 25.63 30.14
N SER A 194 42.66 25.55 31.42
CA SER A 194 42.84 26.69 32.32
C SER A 194 44.22 27.31 32.22
N SER A 195 45.24 26.47 32.08
CA SER A 195 46.61 26.95 32.04
C SER A 195 46.83 27.87 30.88
N SER A 196 46.13 27.64 29.78
CA SER A 196 46.33 28.46 28.61
C SER A 196 45.90 29.91 28.81
N LEU A 197 45.08 30.18 29.83
CA LEU A 197 44.57 31.54 30.06
C LEU A 197 45.65 32.55 30.46
N GLY A 198 46.80 32.06 30.91
CA GLY A 198 47.88 32.96 31.23
C GLY A 198 48.74 33.31 30.02
N THR A 199 48.74 32.44 29.00
CA THR A 199 49.59 32.67 27.83
C THR A 199 48.84 32.94 26.50
N GLN A 200 47.58 32.54 26.41
CA GLN A 200 46.81 32.70 25.15
C GLN A 200 45.67 33.69 25.28
N THR A 201 45.47 34.51 24.25
CA THR A 201 44.34 35.43 24.19
C THR A 201 43.13 34.81 23.47
N TYR A 202 41.94 34.95 24.03
CA TYR A 202 40.74 34.44 23.37
C TYR A 202 39.82 35.57 22.90
N ILE A 203 39.56 35.59 21.59
CA ILE A 203 38.70 36.59 20.99
C ILE A 203 37.58 35.92 20.20
N CYS A 204 36.33 36.31 20.47
CA CYS A 204 35.19 35.88 19.65
C CYS A 204 34.88 36.88 18.57
N ASN A 205 34.72 36.34 17.37
CA ASN A 205 34.40 37.13 16.21
C ASN A 205 32.95 36.89 15.81
N VAL A 206 32.15 37.94 15.87
CA VAL A 206 30.74 37.83 15.57
C VAL A 206 30.45 38.59 14.29
N ASN A 207 29.76 37.94 13.37
CA ASN A 207 29.40 38.57 12.11
C ASN A 207 27.91 38.49 11.96
N HIS A 208 27.28 39.65 11.83
CA HIS A 208 25.86 39.74 11.55
C HIS A 208 25.66 40.43 10.19
N LYS A 209 25.55 39.62 9.14
CA LYS A 209 25.40 40.16 7.78
C LYS A 209 24.21 41.08 7.52
N PRO A 210 23.01 40.72 8.04
CA PRO A 210 21.88 41.64 7.82
C PRO A 210 22.11 43.08 8.29
N SER A 211 23.05 43.33 9.19
CA SER A 211 23.33 44.69 9.62
C SER A 211 24.77 45.15 9.34
N ASN A 212 25.50 44.35 8.56
CA ASN A 212 26.93 44.58 8.33
C ASN A 212 27.70 44.85 9.60
N THR A 213 27.41 44.07 10.62
CA THR A 213 28.10 44.22 11.88
C THR A 213 29.10 43.10 11.99
N LYS A 214 30.35 43.44 12.27
CA LYS A 214 31.34 42.47 12.69
C LYS A 214 31.92 42.98 13.99
N VAL A 215 31.91 42.14 15.01
CA VAL A 215 32.38 42.53 16.32
C VAL A 215 33.43 41.53 16.77
N ASP A 216 34.55 42.03 17.28
CA ASP A 216 35.50 41.16 17.92
C ASP A 216 35.52 41.49 19.41
N LYS A 217 35.36 40.49 20.26
CA LYS A 217 35.42 40.71 21.72
C LYS A 217 36.51 39.87 22.38
N ARG A 218 37.31 40.52 23.21
CA ARG A 218 38.31 39.80 23.99
CA ARG A 218 38.31 39.80 23.99
C ARG A 218 37.66 39.24 25.25
N VAL A 219 37.77 37.94 25.45
CA VAL A 219 37.19 37.29 26.62
C VAL A 219 38.29 36.89 27.62
N GLU A 220 38.20 37.40 28.85
CA GLU A 220 39.35 37.34 29.75
C GLU A 220 38.92 37.44 31.21
N PRO A 221 39.05 36.35 31.99
CA PRO A 221 38.66 36.34 33.40
C PRO A 221 39.22 37.56 34.10
N LYS A 222 38.44 38.16 34.98
CA LYS A 222 38.72 39.53 35.39
C LYS A 222 38.80 39.74 36.88
N SER A 223 39.43 40.86 37.20
CA SER A 223 39.95 41.26 38.50
C SER A 223 41.30 40.61 38.72
N SER B 2 -4.96 18.90 20.37
CA SER B 2 -5.13 17.93 19.28
C SER B 2 -6.26 16.93 19.57
N ALA B 3 -7.07 16.62 18.56
CA ALA B 3 -8.18 15.70 18.75
C ALA B 3 -7.71 14.25 18.90
N LEU B 4 -6.48 13.95 18.45
CA LEU B 4 -5.90 12.63 18.56
C LEU B 4 -4.82 12.63 19.63
N THR B 5 -4.77 11.56 20.43
CA THR B 5 -3.93 11.54 21.61
C THR B 5 -2.85 10.47 21.47
N GLN B 6 -1.60 10.92 21.52
CA GLN B 6 -0.43 10.05 21.53
C GLN B 6 0.42 10.25 22.78
N PRO B 7 1.12 9.20 23.24
CA PRO B 7 2.07 9.39 24.33
C PRO B 7 3.20 10.27 23.82
N PRO B 8 3.55 11.30 24.60
CA PRO B 8 4.55 12.26 24.13
C PRO B 8 5.95 11.67 23.99
N ALA B 9 6.29 10.67 24.79
CA ALA B 9 7.64 10.11 24.75
C ALA B 9 7.64 8.60 24.98
N VAL B 10 8.37 7.89 24.29
CA VAL B 10 8.61 6.46 24.22
C VAL B 10 10.08 6.14 24.01
N SER B 11 10.55 5.07 24.65
CA SER B 11 11.94 4.65 24.55
C SER B 11 12.07 3.18 24.16
N GLY B 12 13.12 2.87 23.40
CA GLY B 12 13.38 1.51 22.97
C GLY B 12 14.85 1.24 22.78
N THR B 13 15.22 -0.04 22.83
CA THR B 13 16.61 -0.45 22.63
C THR B 13 16.71 -1.10 21.26
N PRO B 14 17.85 -0.95 20.59
CA PRO B 14 18.02 -1.53 19.25
C PRO B 14 17.69 -3.01 19.23
N GLY B 15 17.01 -3.46 18.18
CA GLY B 15 16.57 -4.84 18.08
C GLY B 15 15.20 -5.09 18.70
N GLN B 16 14.80 -4.24 19.66
CA GLN B 16 13.51 -4.40 20.31
C GLN B 16 12.34 -3.87 19.51
N ARG B 17 11.15 -4.33 19.89
CA ARG B 17 9.92 -3.87 19.25
C ARG B 17 9.26 -2.73 20.03
N VAL B 18 8.66 -1.76 19.34
CA VAL B 18 7.99 -0.66 20.01
C VAL B 18 6.67 -0.39 19.33
N THR B 19 5.70 0.12 20.09
CA THR B 19 4.39 0.48 19.55
C THR B 19 4.02 1.85 20.05
N ILE B 20 3.43 2.64 19.14
CA ILE B 20 3.01 3.99 19.45
C ILE B 20 1.53 4.04 19.15
N SER B 21 0.77 4.47 20.13
CA SER B 21 -0.67 4.39 19.99
C SER B 21 -1.21 5.75 19.63
N CYS B 22 -2.43 5.74 19.11
CA CYS B 22 -3.10 6.94 18.66
C CYS B 22 -4.55 6.77 19.06
N SER B 23 -5.01 7.57 20.01
CA SER B 23 -6.36 7.50 20.51
C SER B 23 -7.25 8.60 19.88
N GLY B 24 -8.31 8.20 19.19
CA GLY B 24 -9.20 9.15 18.52
C GLY B 24 -10.66 9.05 18.96
N SER B 25 -11.57 9.43 18.06
CA SER B 25 -13.00 9.38 18.38
C SER B 25 -13.83 8.88 17.21
N ASP B 26 -15.15 8.79 17.39
CA ASP B 26 -16.00 8.22 16.35
C ASP B 26 -15.98 9.04 15.08
N SER B 27 -15.84 10.36 15.21
CA SER B 27 -15.84 11.23 14.02
C SER B 27 -14.55 11.17 13.20
N ASN B 28 -13.46 10.75 13.81
CA ASN B 28 -12.21 10.64 13.07
C ASN B 28 -11.75 9.20 12.89
N ILE B 29 -10.98 8.67 13.82
CA ILE B 29 -10.46 7.30 13.66
C ILE B 29 -11.57 6.27 13.56
N GLY B 30 -12.68 6.49 14.25
CA GLY B 30 -13.81 5.57 14.15
C GLY B 30 -14.29 5.41 12.72
N ARG B 31 -14.40 6.53 12.01
CA ARG B 31 -14.95 6.55 10.66
C ARG B 31 -13.93 6.61 9.52
N ARG B 32 -12.73 7.14 9.77
CA ARG B 32 -11.76 7.38 8.68
C ARG B 32 -10.47 6.59 8.88
N SER B 33 -9.64 6.52 7.84
CA SER B 33 -8.43 5.72 7.90
C SER B 33 -7.35 6.53 8.56
N VAL B 34 -6.35 5.87 9.14
CA VAL B 34 -5.26 6.58 9.85
C VAL B 34 -3.97 6.65 8.99
N ASN B 35 -3.29 7.79 9.06
CA ASN B 35 -2.00 8.01 8.40
C ASN B 35 -0.93 8.29 9.44
N TRP B 36 0.29 7.84 9.18
CA TRP B 36 1.38 8.02 10.13
C TRP B 36 2.52 8.72 9.44
N TYR B 37 3.09 9.72 10.10
CA TYR B 37 4.22 10.45 9.57
C TYR B 37 5.39 10.32 10.52
N GLN B 38 6.60 10.38 9.95
CA GLN B 38 7.84 10.35 10.72
C GLN B 38 8.57 11.63 10.42
N GLN B 39 9.10 12.27 11.45
CA GLN B 39 9.77 13.54 11.26
C GLN B 39 11.05 13.61 12.07
N PHE B 40 12.12 13.94 11.38
CA PHE B 40 13.43 14.13 11.98
C PHE B 40 13.61 15.63 12.22
N PRO B 41 14.48 15.99 13.16
CA PRO B 41 14.62 17.41 13.51
C PRO B 41 14.91 18.31 12.29
N GLY B 42 14.27 19.48 12.26
CA GLY B 42 14.59 20.53 11.31
C GLY B 42 14.34 20.20 9.88
N THR B 43 13.47 19.22 9.63
CA THR B 43 13.15 18.76 8.29
C THR B 43 11.67 18.39 8.20
N ALA B 44 11.16 18.20 6.99
CA ALA B 44 9.73 17.89 6.79
C ALA B 44 9.37 16.46 7.19
N PRO B 45 8.12 16.25 7.66
CA PRO B 45 7.70 14.88 7.90
C PRO B 45 7.74 14.04 6.62
N LYS B 46 7.74 12.74 6.78
CA LYS B 46 7.64 11.83 5.65
C LYS B 46 6.52 10.86 5.93
N LEU B 47 5.81 10.45 4.89
CA LEU B 47 4.74 9.45 5.03
C LEU B 47 5.28 8.05 5.31
N LEU B 48 4.73 7.43 6.36
CA LEU B 48 5.23 6.16 6.87
C LEU B 48 4.19 5.08 6.62
N ILE B 49 2.94 5.36 6.96
CA ILE B 49 1.83 4.43 6.81
C ILE B 49 0.60 5.24 6.34
N TYR B 50 -0.16 4.65 5.43
CA TYR B 50 -1.40 5.26 4.98
C TYR B 50 -2.48 4.19 4.89
N SER B 51 -3.75 4.60 4.97
CA SER B 51 -4.84 3.64 4.93
C SER B 51 -4.67 2.62 6.05
N ASN B 52 -4.25 3.10 7.21
CA ASN B 52 -4.06 2.27 8.41
C ASN B 52 -2.83 1.37 8.39
N ASP B 53 -2.73 0.49 7.41
CA ASP B 53 -1.62 -0.48 7.35
C ASP B 53 -0.77 -0.52 6.08
N GLN B 54 -0.94 0.43 5.16
CA GLN B 54 -0.24 0.36 3.89
C GLN B 54 1.06 1.16 3.96
N ARG B 55 2.13 0.63 3.35
CA ARG B 55 3.48 1.20 3.43
C ARG B 55 3.95 1.72 2.08
N PRO B 56 4.45 2.97 2.03
CA PRO B 56 5.13 3.39 0.80
C PRO B 56 6.31 2.47 0.50
N SER B 57 6.56 2.18 -0.78
CA SER B 57 7.64 1.28 -1.24
C SER B 57 8.92 1.51 -0.45
N VAL B 58 9.22 2.79 -0.28
CA VAL B 58 10.48 3.24 0.28
C VAL B 58 10.56 3.12 1.80
N VAL B 59 9.48 2.65 2.42
CA VAL B 59 9.49 2.42 3.85
C VAL B 59 9.83 0.96 4.19
N PRO B 60 10.84 0.75 5.07
CA PRO B 60 11.23 -0.57 5.54
C PRO B 60 10.02 -1.34 6.07
N ASP B 61 9.94 -2.64 5.79
CA ASP B 61 8.77 -3.39 6.21
C ASP B 61 8.75 -3.70 7.71
N ARG B 62 9.73 -3.21 8.43
CA ARG B 62 9.69 -3.36 9.87
C ARG B 62 8.68 -2.37 10.48
N PHE B 63 8.23 -1.44 9.66
CA PHE B 63 7.16 -0.52 10.08
C PHE B 63 5.80 -1.09 9.68
N SER B 64 4.86 -1.05 10.61
CA SER B 64 3.50 -1.48 10.32
C SER B 64 2.47 -0.73 11.17
N GLY B 65 1.23 -0.71 10.69
CA GLY B 65 0.18 -0.02 11.40
C GLY B 65 -1.04 -0.89 11.53
N SER B 66 -1.84 -0.59 12.53
CA SER B 66 -3.13 -1.23 12.69
C SER B 66 -4.14 -0.21 13.24
N LYS B 67 -5.41 -0.52 13.08
CA LYS B 67 -6.48 0.31 13.53
C LYS B 67 -7.51 -0.49 14.30
N SER B 68 -7.81 -0.01 15.50
CA SER B 68 -8.63 -0.73 16.47
C SER B 68 -9.80 0.13 16.90
N GLY B 69 -10.89 0.09 16.14
CA GLY B 69 -12.05 0.89 16.49
C GLY B 69 -11.72 2.35 16.38
N THR B 70 -11.74 3.09 17.50
CA THR B 70 -11.42 4.52 17.46
C THR B 70 -9.96 4.75 17.88
N SER B 71 -9.17 3.69 17.85
CA SER B 71 -7.75 3.80 18.12
C SER B 71 -6.89 3.15 17.02
N ALA B 72 -5.67 3.63 16.87
CA ALA B 72 -4.75 3.12 15.86
C ALA B 72 -3.36 2.99 16.48
N SER B 73 -2.54 2.10 15.94
CA SER B 73 -1.22 1.86 16.50
CA SER B 73 -1.22 1.85 16.49
C SER B 73 -0.15 1.72 15.41
N LEU B 74 1.05 2.21 15.70
CA LEU B 74 2.16 2.02 14.80
C LEU B 74 3.13 1.08 15.50
N ALA B 75 3.59 0.06 14.78
CA ALA B 75 4.54 -0.87 15.37
C ALA B 75 5.80 -0.82 14.57
N ILE B 76 6.93 -0.77 15.27
CA ILE B 76 8.24 -0.92 14.65
C ILE B 76 8.92 -2.14 15.25
N SER B 77 9.23 -3.10 14.41
CA SER B 77 9.96 -4.26 14.85
C SER B 77 11.43 -4.10 14.53
N GLY B 78 12.29 -4.67 15.36
CA GLY B 78 13.71 -4.58 15.05
C GLY B 78 14.19 -3.14 14.96
N LEU B 79 13.85 -2.36 15.97
CA LEU B 79 14.28 -0.97 16.13
C LEU B 79 15.73 -0.77 15.76
N GLN B 80 15.99 0.23 14.93
CA GLN B 80 17.36 0.58 14.62
C GLN B 80 17.63 1.97 15.18
N SER B 81 18.91 2.28 15.43
CA SER B 81 19.31 3.60 15.92
C SER B 81 18.68 4.77 15.14
N GLU B 82 18.54 4.60 13.82
CA GLU B 82 18.03 5.64 12.94
C GLU B 82 16.52 5.89 13.01
N ASP B 83 15.81 5.07 13.75
CA ASP B 83 14.38 5.27 13.94
C ASP B 83 14.11 6.35 14.98
N GLU B 84 15.16 6.81 15.66
CA GLU B 84 15.01 7.89 16.65
C GLU B 84 14.51 9.11 15.90
N ALA B 85 13.21 9.41 16.08
CA ALA B 85 12.54 10.50 15.37
C ALA B 85 11.25 10.89 16.11
N GLU B 86 10.47 11.78 15.50
CA GLU B 86 9.17 12.16 16.04
C GLU B 86 8.11 11.51 15.14
N TYR B 87 7.08 10.92 15.73
CA TYR B 87 6.02 10.25 14.97
C TYR B 87 4.63 10.85 15.21
N TYR B 88 3.90 11.12 14.12
CA TYR B 88 2.53 11.67 14.21
C TYR B 88 1.50 10.81 13.52
N CYS B 89 0.35 10.64 14.17
CA CYS B 89 -0.79 10.01 13.51
C CYS B 89 -1.71 11.12 13.02
N ALA B 90 -2.55 10.82 12.05
CA ALA B 90 -3.42 11.83 11.47
C ALA B 90 -4.63 11.17 10.86
N ALA B 91 -5.78 11.83 10.93
CA ALA B 91 -7.02 11.29 10.37
C ALA B 91 -7.93 12.43 9.93
N TRP B 92 -8.79 12.20 8.95
CA TRP B 92 -9.81 13.19 8.64
C TRP B 92 -10.87 13.09 9.74
N ASP B 93 -11.48 14.21 10.09
CA ASP B 93 -12.55 14.25 11.07
C ASP B 93 -13.84 14.75 10.44
N ASP B 94 -14.87 13.95 10.55
CA ASP B 94 -16.11 14.18 9.89
C ASP B 94 -16.96 15.24 10.52
N SER B 95 -16.85 15.39 11.81
CA SER B 95 -17.60 16.42 12.49
C SER B 95 -16.94 17.75 12.16
N LEU B 96 -15.64 17.84 12.32
CA LEU B 96 -14.90 19.07 12.07
C LEU B 96 -14.77 19.48 10.61
N LYS B 97 -15.01 18.49 9.71
CA LYS B 97 -14.65 18.67 8.30
C LYS B 97 -13.21 19.18 8.20
N GLY B 98 -12.28 18.42 8.76
CA GLY B 98 -10.89 18.82 8.75
C GLY B 98 -9.96 17.71 9.17
N ALA B 99 -8.69 17.81 8.79
CA ALA B 99 -7.68 16.85 9.20
C ALA B 99 -7.12 17.18 10.58
N VAL B 100 -6.91 16.15 11.38
CA VAL B 100 -6.44 16.34 12.74
C VAL B 100 -5.20 15.47 12.96
N PHE B 101 -4.24 15.98 13.70
CA PHE B 101 -3.06 15.20 14.02
C PHE B 101 -3.06 14.87 15.48
N GLY B 102 -2.28 13.86 15.84
CA GLY B 102 -1.91 13.62 17.22
C GLY B 102 -0.85 14.62 17.66
N GLY B 103 -0.52 14.60 18.95
CA GLY B 103 0.40 15.59 19.50
C GLY B 103 1.85 15.25 19.20
N GLY B 104 2.06 14.03 18.73
CA GLY B 104 3.40 13.56 18.42
C GLY B 104 4.04 12.71 19.52
N THR B 105 4.89 11.79 19.09
CA THR B 105 5.62 10.94 20.01
C THR B 105 7.10 11.06 19.70
N GLN B 106 7.90 11.50 20.66
CA GLN B 106 9.34 11.45 20.48
C GLN B 106 9.81 10.06 20.83
N LEU B 107 10.32 9.33 19.85
CA LEU B 107 10.82 8.00 20.10
C LEU B 107 12.32 8.05 20.30
N THR B 108 12.76 7.51 21.42
CA THR B 108 14.17 7.47 21.73
C THR B 108 14.65 6.05 21.51
N VAL B 109 15.73 5.90 20.77
CA VAL B 109 16.33 4.61 20.51
C VAL B 109 17.72 4.61 21.12
N LEU B 110 17.83 3.91 22.28
CA LEU B 110 19.01 3.98 23.09
C LEU B 110 20.18 3.15 22.53
N GLY B 111 20.78 3.64 21.45
CA GLY B 111 21.94 3.01 20.82
C GLY B 111 23.21 3.62 21.41
N GLN B 112 23.02 4.28 22.56
CA GLN B 112 24.09 4.91 23.32
C GLN B 112 23.60 5.12 24.75
N PRO B 113 24.55 5.22 25.69
CA PRO B 113 24.18 5.36 27.10
C PRO B 113 23.51 6.70 27.40
N LYS B 114 22.70 6.73 28.42
CA LYS B 114 22.17 7.96 28.95
C LYS B 114 23.28 8.88 29.40
N ALA B 115 23.10 10.19 29.17
CA ALA B 115 24.09 11.17 29.58
C ALA B 115 23.37 12.35 30.21
N ALA B 116 23.76 12.66 31.45
CA ALA B 116 23.25 13.81 32.20
C ALA B 116 23.76 15.08 31.53
N PRO B 117 22.97 16.17 31.62
CA PRO B 117 23.39 17.41 30.93
C PRO B 117 24.63 18.04 31.56
N SER B 118 25.55 18.50 30.72
CA SER B 118 26.65 19.33 31.19
C SER B 118 26.14 20.76 31.23
N VAL B 119 26.19 21.39 32.40
CA VAL B 119 25.59 22.71 32.62
C VAL B 119 26.64 23.77 32.96
N THR B 120 26.67 24.82 32.14
CA THR B 120 27.53 25.97 32.37
C THR B 120 26.68 27.23 32.62
N LEU B 121 26.76 27.79 33.83
CA LEU B 121 26.05 29.02 34.18
C LEU B 121 26.99 30.21 34.30
N PHE B 122 26.72 31.24 33.52
CA PHE B 122 27.47 32.49 33.51
C PHE B 122 26.68 33.62 34.17
N PRO B 123 27.34 34.42 35.02
CA PRO B 123 26.77 35.61 35.65
C PRO B 123 26.80 36.72 34.63
N PRO B 124 26.13 37.85 34.90
CA PRO B 124 26.22 38.95 33.93
C PRO B 124 27.67 39.42 33.82
N SER B 125 28.14 39.73 32.63
CA SER B 125 29.48 40.27 32.46
C SER B 125 29.53 41.65 33.10
N SER B 126 30.71 42.09 33.54
CA SER B 126 30.83 43.44 34.08
C SER B 126 30.46 44.47 33.01
N GLU B 127 30.84 44.19 31.77
CA GLU B 127 30.51 45.03 30.63
C GLU B 127 29.03 45.29 30.52
N GLU B 128 28.24 44.26 30.75
CA GLU B 128 26.80 44.37 30.60
C GLU B 128 26.23 45.12 31.81
N LEU B 129 26.75 44.82 32.99
CA LEU B 129 26.33 45.49 34.21
C LEU B 129 26.64 46.98 34.14
N GLN B 130 27.79 47.30 33.56
CA GLN B 130 28.21 48.70 33.45
C GLN B 130 27.23 49.50 32.60
N ALA B 131 26.72 48.88 31.55
CA ALA B 131 25.77 49.55 30.65
C ALA B 131 24.35 49.40 31.18
N ASN B 132 24.28 49.05 32.47
CA ASN B 132 23.03 49.01 33.20
C ASN B 132 22.05 47.90 32.81
N LYS B 133 22.59 46.77 32.40
CA LYS B 133 21.78 45.59 32.11
C LYS B 133 22.35 44.34 32.76
N ALA B 134 21.55 43.27 32.80
CA ALA B 134 22.02 42.01 33.37
C ALA B 134 21.29 40.78 32.79
N THR B 135 22.08 39.82 32.34
CA THR B 135 21.57 38.56 31.78
C THR B 135 22.32 37.37 32.35
N LEU B 136 21.58 36.41 32.90
CA LEU B 136 22.17 35.16 33.33
C LEU B 136 22.07 34.17 32.17
N VAL B 137 23.16 33.46 31.88
CA VAL B 137 23.18 32.57 30.73
C VAL B 137 23.46 31.15 31.17
N CYS B 138 22.51 30.25 30.93
CA CYS B 138 22.66 28.86 31.30
C CYS B 138 22.79 27.96 30.07
N LEU B 139 23.94 27.34 29.89
CA LEU B 139 24.21 26.52 28.71
C LEU B 139 24.21 25.05 29.06
N ILE B 140 23.45 24.28 28.28
CA ILE B 140 23.14 22.90 28.63
C ILE B 140 23.49 22.04 27.43
N SER B 141 24.46 21.15 27.59
CA SER B 141 24.96 20.40 26.45
C SER B 141 25.19 18.93 26.77
N ASP B 142 25.33 18.13 25.71
CA ASP B 142 25.77 16.74 25.82
C ASP B 142 24.90 15.92 26.72
N PHE B 143 23.59 16.11 26.61
CA PHE B 143 22.68 15.25 27.34
C PHE B 143 21.96 14.34 26.36
N TYR B 144 21.51 13.19 26.84
CA TYR B 144 20.81 12.20 26.02
C TYR B 144 20.06 11.25 26.95
N PRO B 145 18.74 11.03 26.73
CA PRO B 145 17.81 11.52 25.70
C PRO B 145 17.63 13.03 25.67
N GLY B 146 17.00 13.54 24.62
CA GLY B 146 17.01 14.96 24.33
C GLY B 146 15.91 15.81 24.91
N ALA B 147 15.48 15.51 26.12
CA ALA B 147 14.57 16.42 26.77
C ALA B 147 15.13 16.83 28.13
N VAL B 148 15.05 18.11 28.43
CA VAL B 148 15.34 18.59 29.77
C VAL B 148 14.29 19.62 30.13
N THR B 149 14.21 19.94 31.40
CA THR B 149 13.44 21.09 31.81
C THR B 149 14.33 22.01 32.66
N VAL B 150 14.13 23.30 32.53
CA VAL B 150 14.96 24.26 33.24
C VAL B 150 14.14 25.04 34.24
N ALA B 151 14.67 25.16 35.45
CA ALA B 151 14.02 26.00 36.46
C ALA B 151 15.05 26.95 37.03
N TRP B 152 14.65 28.20 37.21
CA TRP B 152 15.57 29.17 37.80
C TRP B 152 15.21 29.43 39.27
N LYS B 153 16.20 29.70 40.10
CA LYS B 153 16.03 30.04 41.51
C LYS B 153 16.76 31.35 41.87
N ALA B 154 16.09 32.29 42.53
CA ALA B 154 16.74 33.47 43.05
C ALA B 154 16.92 33.08 44.50
N ASP B 155 18.16 32.91 44.92
CA ASP B 155 18.40 32.35 46.23
C ASP B 155 17.70 30.99 46.18
N SER B 156 16.84 30.70 47.15
CA SER B 156 16.13 29.42 47.18
C SER B 156 14.72 29.46 46.60
N SER B 157 14.31 30.59 46.05
CA SER B 157 12.94 30.76 45.57
C SER B 157 12.83 30.90 44.06
N PRO B 158 11.82 30.25 43.45
CA PRO B 158 11.66 30.16 42.00
C PRO B 158 11.42 31.49 41.28
N VAL B 159 12.21 31.73 40.25
CA VAL B 159 11.94 32.86 39.34
C VAL B 159 11.17 32.30 38.15
N LYS B 160 10.21 33.08 37.66
CA LYS B 160 9.38 32.64 36.55
C LYS B 160 9.57 33.64 35.40
N ALA B 161 9.67 34.90 35.79
CA ALA B 161 9.67 36.02 34.85
C ALA B 161 11.05 36.39 34.33
N GLY B 162 11.14 36.63 33.02
CA GLY B 162 12.38 36.99 32.37
C GLY B 162 13.16 35.77 31.86
N VAL B 163 12.54 34.59 31.95
CA VAL B 163 13.17 33.36 31.50
C VAL B 163 12.82 33.05 30.05
N GLU B 164 13.84 32.87 29.22
CA GLU B 164 13.67 32.44 27.84
C GLU B 164 14.53 31.18 27.60
N THR B 165 13.88 30.07 27.27
CA THR B 165 14.56 28.80 27.10
C THR B 165 14.36 28.29 25.67
N THR B 166 15.46 27.82 25.06
CA THR B 166 15.37 27.21 23.73
C THR B 166 14.85 25.79 23.81
N THR B 167 14.42 25.30 22.67
CA THR B 167 14.08 23.91 22.52
C THR B 167 15.40 23.14 22.36
N PRO B 168 15.41 21.83 22.61
CA PRO B 168 16.67 21.13 22.39
C PRO B 168 17.02 20.94 20.91
N SER B 169 18.31 20.72 20.64
CA SER B 169 18.81 20.56 19.28
C SER B 169 19.93 19.52 19.23
N LYS B 170 19.93 18.69 18.20
CA LYS B 170 20.95 17.64 18.06
C LYS B 170 22.37 18.19 17.78
N GLN B 171 23.36 17.69 18.51
CA GLN B 171 24.76 18.02 18.23
C GLN B 171 25.36 17.09 17.19
N SER B 172 26.62 17.36 16.82
CA SER B 172 27.35 16.53 15.87
C SER B 172 27.54 15.11 16.43
N ASN B 173 27.89 15.03 17.70
CA ASN B 173 28.20 13.74 18.32
C ASN B 173 26.95 12.92 18.70
N ASN B 174 25.78 13.39 18.26
CA ASN B 174 24.50 12.71 18.45
C ASN B 174 23.80 12.91 19.80
N LYS B 175 24.37 13.76 20.65
CA LYS B 175 23.69 14.16 21.87
C LYS B 175 23.08 15.55 21.69
N TYR B 176 22.37 16.07 22.71
CA TYR B 176 21.56 17.27 22.54
C TYR B 176 22.06 18.46 23.36
N ALA B 177 21.62 19.66 22.97
CA ALA B 177 21.91 20.90 23.71
C ALA B 177 20.72 21.84 23.74
N ALA B 178 20.77 22.80 24.66
CA ALA B 178 19.72 23.77 24.82
C ALA B 178 20.32 24.87 25.68
N SER B 179 19.63 26.00 25.79
CA SER B 179 20.10 27.04 26.66
C SER B 179 18.91 27.79 27.24
N SER B 180 19.14 28.45 28.37
CA SER B 180 18.11 29.23 29.01
C SER B 180 18.71 30.54 29.48
N TYR B 181 17.97 31.63 29.29
CA TYR B 181 18.42 32.95 29.65
C TYR B 181 17.51 33.57 30.71
N LEU B 182 18.10 34.21 31.70
CA LEU B 182 17.33 34.95 32.69
C LEU B 182 17.80 36.37 32.66
N SER B 183 16.90 37.27 32.26
CA SER B 183 17.19 38.69 32.18
C SER B 183 16.71 39.38 33.44
N LEU B 184 17.52 40.27 33.99
CA LEU B 184 17.12 40.99 35.19
C LEU B 184 17.78 42.35 35.33
N THR B 185 17.26 43.17 36.25
CA THR B 185 17.85 44.47 36.50
C THR B 185 19.12 44.29 37.29
N PRO B 186 20.11 45.15 37.06
CA PRO B 186 21.34 45.01 37.83
C PRO B 186 21.13 45.05 39.34
N GLU B 187 19.96 45.53 39.78
CA GLU B 187 19.62 45.68 41.20
C GLU B 187 19.00 44.41 41.75
N GLN B 188 18.17 43.76 40.96
CA GLN B 188 17.70 42.44 41.32
C GLN B 188 18.89 41.50 41.50
N TRP B 189 19.87 41.58 40.60
CA TRP B 189 21.06 40.72 40.63
C TRP B 189 21.85 40.87 41.96
N LYS B 190 22.01 42.11 42.37
CA LYS B 190 22.83 42.47 43.52
C LYS B 190 22.17 42.25 44.87
N SER B 191 20.87 42.13 44.89
CA SER B 191 20.11 41.94 46.11
C SER B 191 20.06 40.48 46.54
N HIS B 192 20.52 39.60 45.69
CA HIS B 192 20.47 38.19 46.01
C HIS B 192 21.87 37.65 46.24
N ARG B 193 21.97 36.67 47.12
CA ARG B 193 23.28 36.11 47.38
C ARG B 193 23.69 35.21 46.23
N SER B 194 22.72 34.51 45.66
CA SER B 194 23.00 33.67 44.50
C SER B 194 21.76 33.47 43.64
N TYR B 195 22.01 33.14 42.37
CA TYR B 195 20.98 32.62 41.48
C TYR B 195 21.42 31.23 41.03
N SER B 196 20.44 30.37 40.72
CA SER B 196 20.70 29.01 40.28
C SER B 196 19.89 28.59 39.05
N CYS B 197 20.59 27.89 38.15
CA CYS B 197 19.99 27.29 36.98
C CYS B 197 19.87 25.80 37.29
N GLN B 198 18.65 25.28 37.33
CA GLN B 198 18.46 23.86 37.66
C GLN B 198 17.91 23.09 36.46
N VAL B 199 18.62 22.06 36.03
CA VAL B 199 18.24 21.36 34.81
C VAL B 199 17.91 19.90 35.09
N THR B 200 16.66 19.54 34.98
CA THR B 200 16.21 18.20 35.29
C THR B 200 16.13 17.31 34.06
N HIS B 201 16.81 16.18 34.13
CA HIS B 201 16.97 15.28 32.99
C HIS B 201 16.76 13.87 33.48
N GLU B 202 15.70 13.23 32.98
CA GLU B 202 15.37 11.85 33.36
C GLU B 202 15.21 11.77 34.87
N GLY B 203 14.45 12.72 35.42
CA GLY B 203 14.18 12.75 36.84
C GLY B 203 15.35 12.99 37.78
N SER B 204 16.47 13.47 37.26
CA SER B 204 17.55 13.91 38.12
C SER B 204 18.04 15.27 37.67
N THR B 205 18.39 16.11 38.64
CA THR B 205 18.70 17.51 38.39
C THR B 205 20.19 17.77 38.48
N VAL B 206 20.70 18.56 37.53
CA VAL B 206 22.03 19.15 37.63
C VAL B 206 21.84 20.64 37.89
N GLU B 207 22.50 21.19 38.90
CA GLU B 207 22.42 22.61 39.17
C GLU B 207 23.76 23.35 39.17
N LYS B 208 23.74 24.62 38.82
CA LYS B 208 24.90 25.46 38.90
C LYS B 208 24.43 26.72 39.56
N THR B 209 25.33 27.45 40.17
CA THR B 209 24.93 28.63 40.94
C THR B 209 25.98 29.70 40.76
N VAL B 210 25.55 30.96 40.63
CA VAL B 210 26.47 32.09 40.51
C VAL B 210 26.09 33.21 41.47
N ALA B 211 27.09 34.01 41.85
CA ALA B 211 26.94 35.05 42.85
C ALA B 211 27.57 36.37 42.37
N PRO B 212 26.99 37.53 42.80
CA PRO B 212 27.42 38.88 42.43
C PRO B 212 28.87 39.21 42.82
N THR B 213 29.39 38.42 43.75
CA THR B 213 30.80 38.44 44.09
C THR B 213 31.67 37.94 42.93
N GLN C 1 1.80 3.05 -16.74
CA GLN C 1 1.14 1.77 -16.67
C GLN C 1 1.56 0.85 -17.82
N VAL C 2 1.98 -0.35 -17.45
CA VAL C 2 2.53 -1.32 -18.38
C VAL C 2 1.45 -2.23 -18.89
N GLN C 3 1.58 -2.67 -20.11
CA GLN C 3 0.71 -3.70 -20.62
C GLN C 3 1.58 -4.85 -21.11
N LEU C 4 1.28 -6.07 -20.67
CA LEU C 4 1.96 -7.23 -21.21
C LEU C 4 1.05 -7.82 -22.29
N VAL C 5 1.54 -7.89 -23.52
CA VAL C 5 0.75 -8.41 -24.64
C VAL C 5 1.43 -9.65 -25.24
N GLN C 6 0.72 -10.78 -25.22
CA GLN C 6 1.32 -12.06 -25.61
C GLN C 6 0.91 -12.43 -27.01
N SER C 7 1.60 -13.39 -27.60
CA SER C 7 1.30 -13.87 -28.94
C SER C 7 -0.04 -14.62 -29.00
N GLY C 8 -0.57 -14.83 -30.20
CA GLY C 8 -1.89 -15.40 -30.39
C GLY C 8 -2.00 -16.88 -30.08
N ALA C 9 -3.22 -17.41 -30.12
CA ALA C 9 -3.45 -18.82 -29.76
C ALA C 9 -2.70 -19.76 -30.69
N GLU C 10 -2.26 -20.89 -30.15
CA GLU C 10 -1.54 -21.88 -30.94
C GLU C 10 -2.22 -23.25 -30.88
N VAL C 11 -2.11 -24.00 -31.96
CA VAL C 11 -2.61 -25.35 -32.03
C VAL C 11 -1.46 -26.19 -32.53
N LYS C 12 -0.95 -27.07 -31.67
CA LYS C 12 0.25 -27.86 -31.94
C LYS C 12 -0.06 -29.36 -31.95
N LYS C 13 0.79 -30.14 -32.63
CA LYS C 13 0.73 -31.61 -32.57
C LYS C 13 1.67 -32.18 -31.50
N PRO C 14 1.35 -33.37 -30.97
CA PRO C 14 2.25 -34.04 -30.01
C PRO C 14 3.69 -34.16 -30.53
N GLY C 15 4.67 -34.05 -29.64
CA GLY C 15 6.06 -34.16 -30.05
C GLY C 15 6.66 -32.83 -30.46
N SER C 16 5.81 -31.91 -30.90
CA SER C 16 6.27 -30.60 -31.32
C SER C 16 6.62 -29.64 -30.17
N SER C 17 6.85 -28.40 -30.55
CA SER C 17 7.36 -27.37 -29.65
C SER C 17 6.57 -26.09 -29.88
N VAL C 18 6.48 -25.23 -28.86
CA VAL C 18 5.79 -23.96 -29.01
C VAL C 18 6.67 -22.87 -28.43
N LYS C 19 6.69 -21.72 -29.10
CA LYS C 19 7.31 -20.54 -28.50
C LYS C 19 6.32 -19.40 -28.39
N VAL C 20 6.10 -18.94 -27.16
CA VAL C 20 5.17 -17.84 -26.87
C VAL C 20 5.95 -16.57 -26.53
N SER C 21 5.54 -15.43 -27.07
CA SER C 21 6.19 -14.18 -26.80
C SER C 21 5.35 -13.29 -25.88
N CYS C 22 6.04 -12.38 -25.20
CA CYS C 22 5.41 -11.52 -24.22
C CYS C 22 6.05 -10.16 -24.27
N LYS C 23 5.41 -9.24 -24.99
CA LYS C 23 5.93 -7.89 -25.20
C LYS C 23 5.43 -6.89 -24.16
N SER C 24 6.37 -6.22 -23.51
CA SER C 24 6.02 -5.21 -22.53
C SER C 24 5.83 -3.87 -23.24
N SER C 25 4.59 -3.41 -23.26
CA SER C 25 4.22 -2.12 -23.86
C SER C 25 4.09 -1.08 -22.76
N GLY C 26 3.93 0.19 -23.17
CA GLY C 26 3.81 1.29 -22.24
C GLY C 26 4.99 1.41 -21.29
N GLY C 27 6.18 1.08 -21.81
CA GLY C 27 7.39 1.17 -21.01
C GLY C 27 8.21 -0.10 -20.93
N THR C 28 9.19 -0.06 -20.04
CA THR C 28 10.29 -1.03 -20.01
C THR C 28 10.28 -1.94 -18.78
N SER C 29 9.88 -3.20 -19.00
CA SER C 29 9.88 -4.21 -17.93
C SER C 29 11.26 -4.84 -17.67
N ASN C 30 12.32 -4.26 -18.26
CA ASN C 30 13.66 -4.86 -18.24
C ASN C 30 14.27 -5.07 -16.85
N ASN C 31 13.89 -4.21 -15.91
CA ASN C 31 14.48 -4.23 -14.58
C ASN C 31 13.77 -5.17 -13.58
N TYR C 32 12.61 -5.69 -13.97
CA TYR C 32 11.82 -6.64 -13.18
C TYR C 32 11.85 -8.09 -13.71
N ALA C 33 11.67 -9.06 -12.80
CA ALA C 33 11.59 -10.48 -13.16
C ALA C 33 10.32 -10.76 -13.98
N ILE C 34 10.39 -11.69 -14.91
CA ILE C 34 9.18 -12.14 -15.60
C ILE C 34 9.02 -13.62 -15.29
N SER C 35 7.78 -14.03 -14.99
CA SER C 35 7.46 -15.44 -14.79
C SER C 35 6.45 -15.91 -15.83
N TRP C 36 6.52 -17.22 -16.13
CA TRP C 36 5.51 -17.85 -16.96
C TRP C 36 4.74 -18.84 -16.12
N VAL C 37 3.42 -18.73 -16.22
CA VAL C 37 2.52 -19.46 -15.36
C VAL C 37 1.45 -20.04 -16.27
N ARG C 38 1.18 -21.32 -16.13
CA ARG C 38 0.17 -21.93 -16.99
C ARG C 38 -1.03 -22.41 -16.18
N GLN C 39 -2.16 -22.54 -16.86
CA GLN C 39 -3.38 -23.03 -16.25
C GLN C 39 -4.03 -24.05 -17.15
N ALA C 40 -3.88 -25.33 -16.82
CA ALA C 40 -4.60 -26.39 -17.52
C ALA C 40 -6.12 -26.20 -17.34
N PRO C 41 -6.90 -26.68 -18.32
CA PRO C 41 -8.37 -26.52 -18.30
C PRO C 41 -9.04 -27.01 -16.99
N GLY C 42 -9.76 -26.10 -16.34
CA GLY C 42 -10.37 -26.37 -15.05
C GLY C 42 -9.40 -26.55 -13.90
N GLN C 43 -8.11 -26.33 -14.14
CA GLN C 43 -7.17 -26.50 -13.06
C GLN C 43 -6.64 -25.17 -12.50
N GLY C 44 -5.72 -25.28 -11.55
CA GLY C 44 -5.14 -24.10 -10.93
C GLY C 44 -3.94 -23.54 -11.67
N LEU C 45 -3.34 -22.51 -11.09
CA LEU C 45 -2.14 -21.88 -11.63
C LEU C 45 -0.91 -22.71 -11.29
N ASP C 46 0.02 -22.80 -12.25
CA ASP C 46 1.19 -23.66 -12.15
C ASP C 46 2.39 -22.88 -12.65
N TRP C 47 3.34 -22.61 -11.76
CA TRP C 47 4.52 -21.83 -12.10
C TRP C 47 5.45 -22.65 -12.96
N MET C 48 5.77 -22.13 -14.14
CA MET C 48 6.69 -22.83 -15.01
C MET C 48 8.14 -22.43 -14.76
N GLY C 49 8.33 -21.15 -14.44
CA GLY C 49 9.66 -20.63 -14.22
C GLY C 49 9.69 -19.16 -14.56
N GLY C 50 10.86 -18.55 -14.41
CA GLY C 50 11.02 -17.14 -14.68
C GLY C 50 12.44 -16.76 -15.06
N ILE C 51 12.62 -15.49 -15.41
CA ILE C 51 13.93 -14.98 -15.76
C ILE C 51 14.11 -13.65 -15.07
N SER C 52 15.29 -13.41 -14.50
CA SER C 52 15.62 -12.08 -13.98
C SER C 52 16.62 -11.45 -14.95
N PRO C 53 16.14 -10.74 -15.93
CA PRO C 53 16.92 -10.47 -17.12
C PRO C 53 18.16 -9.58 -16.91
N ILE C 54 18.20 -8.83 -15.82
CA ILE C 54 19.32 -7.97 -15.59
C ILE C 54 20.45 -8.73 -14.95
N PHE C 55 20.16 -9.56 -13.98
CA PHE C 55 21.23 -10.29 -13.29
C PHE C 55 21.69 -11.57 -13.99
N GLY C 56 21.17 -11.82 -15.19
CA GLY C 56 21.49 -13.01 -15.94
C GLY C 56 21.17 -14.32 -15.24
N SER C 57 20.02 -14.35 -14.54
CA SER C 57 19.59 -15.53 -13.81
C SER C 57 18.24 -16.07 -14.29
N THR C 58 18.17 -17.38 -14.45
CA THR C 58 16.93 -18.03 -14.89
C THR C 58 16.55 -19.16 -13.92
N ALA C 59 15.26 -19.27 -13.61
CA ALA C 59 14.77 -20.30 -12.70
C ALA C 59 13.64 -21.12 -13.32
N TYR C 60 13.65 -22.43 -13.10
CA TYR C 60 12.60 -23.29 -13.65
C TYR C 60 12.00 -24.17 -12.55
N ALA C 61 10.74 -24.54 -12.71
CA ALA C 61 10.13 -25.54 -11.84
C ALA C 61 10.76 -26.88 -12.17
N GLN C 62 10.88 -27.72 -11.16
CA GLN C 62 11.50 -29.02 -11.34
C GLN C 62 10.84 -29.81 -12.48
N LYS C 63 9.54 -30.04 -12.37
CA LYS C 63 8.82 -30.79 -13.38
C LYS C 63 8.98 -30.30 -14.84
N PHE C 64 9.47 -29.08 -15.02
CA PHE C 64 9.65 -28.54 -16.36
C PHE C 64 11.12 -28.43 -16.80
N GLN C 65 12.03 -28.91 -15.97
CA GLN C 65 13.45 -28.82 -16.29
C GLN C 65 13.82 -29.63 -17.53
N GLY C 66 14.58 -29.02 -18.41
CA GLY C 66 15.04 -29.68 -19.62
C GLY C 66 13.98 -29.70 -20.71
N ARG C 67 12.84 -29.06 -20.44
CA ARG C 67 11.75 -29.03 -21.39
C ARG C 67 11.32 -27.58 -21.70
N VAL C 68 11.58 -26.69 -20.76
CA VAL C 68 11.18 -25.31 -20.96
C VAL C 68 12.40 -24.41 -21.01
N THR C 69 12.36 -23.43 -21.90
CA THR C 69 13.40 -22.43 -22.01
C THR C 69 12.76 -21.05 -21.93
N ILE C 70 13.18 -20.27 -20.93
CA ILE C 70 12.66 -18.92 -20.83
C ILE C 70 13.76 -17.94 -21.23
N SER C 71 13.41 -16.97 -22.07
CA SER C 71 14.40 -16.02 -22.55
C SER C 71 13.83 -14.63 -22.63
N ALA C 72 14.70 -13.65 -22.89
CA ALA C 72 14.31 -12.23 -22.96
C ALA C 72 15.16 -11.44 -23.94
N ASP C 73 14.50 -10.67 -24.80
CA ASP C 73 15.16 -9.76 -25.70
C ASP C 73 15.08 -8.31 -25.20
N ILE C 74 16.17 -7.86 -24.60
CA ILE C 74 16.26 -6.57 -23.90
C ILE C 74 15.84 -5.37 -24.77
N PHE C 75 16.10 -5.45 -26.06
CA PHE C 75 15.86 -4.34 -26.96
C PHE C 75 14.40 -4.28 -27.43
N SER C 76 13.82 -5.45 -27.71
CA SER C 76 12.42 -5.51 -28.17
C SER C 76 11.41 -5.39 -27.03
N ASN C 77 11.91 -5.45 -25.79
CA ASN C 77 11.06 -5.52 -24.62
C ASN C 77 10.12 -6.74 -24.67
N THR C 78 10.67 -7.86 -25.14
CA THR C 78 9.90 -9.07 -25.31
C THR C 78 10.52 -10.18 -24.47
N ALA C 79 9.69 -10.94 -23.78
CA ALA C 79 10.12 -12.16 -23.12
C ALA C 79 9.59 -13.35 -23.89
N TYR C 80 10.15 -14.51 -23.67
CA TYR C 80 9.81 -15.67 -24.48
C TYR C 80 9.74 -16.92 -23.66
N MET C 81 8.76 -17.75 -23.92
CA MET C 81 8.69 -19.07 -23.33
C MET C 81 8.60 -20.13 -24.41
N GLU C 82 9.49 -21.10 -24.32
CA GLU C 82 9.50 -22.17 -25.27
C GLU C 82 9.40 -23.50 -24.56
N LEU C 83 8.38 -24.27 -24.95
CA LEU C 83 8.11 -25.57 -24.35
C LEU C 83 8.20 -26.64 -25.42
N ASN C 84 9.02 -27.65 -25.18
CA ASN C 84 9.18 -28.75 -26.14
C ASN C 84 8.51 -30.03 -25.67
N SER C 85 8.63 -31.10 -26.48
CA SER C 85 8.06 -32.40 -26.15
C SER C 85 6.60 -32.28 -25.74
N LEU C 86 5.85 -31.50 -26.51
CA LEU C 86 4.45 -31.23 -26.18
C LEU C 86 3.58 -32.48 -26.21
N THR C 87 2.79 -32.68 -25.15
CA THR C 87 1.70 -33.63 -25.20
C THR C 87 0.38 -32.91 -24.91
N SER C 88 -0.71 -33.66 -24.94
CA SER C 88 -2.02 -33.08 -24.67
C SER C 88 -2.18 -32.63 -23.21
N GLU C 89 -1.24 -33.02 -22.36
CA GLU C 89 -1.23 -32.56 -20.98
C GLU C 89 -0.70 -31.13 -20.89
N ASP C 90 -0.13 -30.64 -21.99
CA ASP C 90 0.40 -29.28 -22.05
C ASP C 90 -0.63 -28.31 -22.64
N THR C 91 -1.81 -28.82 -22.95
CA THR C 91 -2.93 -27.95 -23.31
C THR C 91 -3.29 -27.12 -22.06
N ALA C 92 -3.20 -25.80 -22.18
CA ALA C 92 -3.36 -24.87 -21.08
C ALA C 92 -3.37 -23.45 -21.64
N VAL C 93 -3.71 -22.48 -20.79
CA VAL C 93 -3.51 -21.08 -21.11
C VAL C 93 -2.19 -20.72 -20.45
N TYR C 94 -1.30 -20.08 -21.20
CA TYR C 94 0.00 -19.72 -20.68
C TYR C 94 0.06 -18.21 -20.47
N PHE C 95 0.42 -17.81 -19.26
CA PHE C 95 0.48 -16.41 -18.89
C PHE C 95 1.91 -16.00 -18.59
N CYS C 96 2.36 -14.89 -19.16
CA CYS C 96 3.53 -14.21 -18.61
C CYS C 96 3.06 -13.15 -17.62
N ALA C 97 3.86 -12.92 -16.60
CA ALA C 97 3.52 -11.95 -15.56
C ALA C 97 4.76 -11.24 -15.04
N ARG C 98 4.71 -9.94 -14.89
CA ARG C 98 5.84 -9.23 -14.34
C ARG C 98 5.80 -9.13 -12.82
N HIS C 99 6.94 -9.35 -12.20
CA HIS C 99 7.04 -9.24 -10.76
C HIS C 99 7.23 -7.79 -10.34
N GLY C 100 7.11 -7.53 -9.04
CA GLY C 100 7.29 -6.18 -8.53
C GLY C 100 8.73 -5.94 -8.13
N ASN C 101 9.54 -6.97 -8.24
CA ASN C 101 10.95 -6.83 -7.92
C ASN C 101 11.82 -7.67 -8.86
N TYR C 102 13.10 -7.80 -8.56
CA TYR C 102 14.07 -8.53 -9.38
C TYR C 102 13.84 -10.03 -9.31
N TYR C 103 13.16 -10.49 -8.27
CA TYR C 103 13.05 -11.93 -8.09
C TYR C 103 11.62 -12.47 -8.00
N TYR C 104 11.52 -13.79 -7.89
CA TYR C 104 10.26 -14.47 -8.05
C TYR C 104 9.47 -14.60 -6.76
N TYR C 105 10.04 -14.14 -5.65
CA TYR C 105 9.30 -14.16 -4.39
C TYR C 105 8.24 -13.05 -4.29
N SER C 106 8.40 -11.99 -5.08
CA SER C 106 7.49 -10.85 -5.05
C SER C 106 6.21 -11.15 -5.81
N GLY C 107 5.16 -10.36 -5.58
CA GLY C 107 3.89 -10.52 -6.27
C GLY C 107 4.02 -10.18 -7.74
N MET C 108 3.33 -10.94 -8.58
CA MET C 108 3.33 -10.68 -10.01
C MET C 108 2.25 -9.70 -10.29
N ASP C 109 2.64 -8.44 -10.46
CA ASP C 109 1.68 -7.35 -10.46
C ASP C 109 1.11 -7.01 -11.84
N VAL C 110 1.79 -7.41 -12.89
CA VAL C 110 1.32 -7.18 -14.25
C VAL C 110 1.24 -8.51 -14.99
N TRP C 111 0.08 -8.80 -15.56
CA TRP C 111 -0.14 -10.07 -16.26
C TRP C 111 -0.45 -9.88 -17.74
N GLY C 112 0.15 -10.70 -18.59
CA GLY C 112 -0.23 -10.76 -19.99
C GLY C 112 -1.64 -11.29 -20.09
N GLN C 113 -2.23 -11.26 -21.28
CA GLN C 113 -3.63 -11.63 -21.43
C GLN C 113 -3.83 -13.15 -21.55
N GLY C 114 -2.73 -13.89 -21.58
CA GLY C 114 -2.80 -15.33 -21.69
C GLY C 114 -2.72 -15.81 -23.13
N THR C 115 -2.05 -16.93 -23.33
CA THR C 115 -2.00 -17.58 -24.64
C THR C 115 -2.51 -19.01 -24.49
N THR C 116 -3.57 -19.38 -25.20
CA THR C 116 -3.96 -20.78 -25.15
C THR C 116 -3.16 -21.58 -26.16
N VAL C 117 -2.72 -22.76 -25.73
CA VAL C 117 -2.00 -23.70 -26.55
C VAL C 117 -2.76 -25.00 -26.47
N THR C 118 -3.23 -25.48 -27.62
CA THR C 118 -3.95 -26.73 -27.71
C THR C 118 -3.08 -27.75 -28.41
N VAL C 119 -2.75 -28.83 -27.71
CA VAL C 119 -1.94 -29.90 -28.28
C VAL C 119 -2.85 -31.06 -28.62
N SER C 120 -2.95 -31.37 -29.91
CA SER C 120 -3.89 -32.38 -30.42
C SER C 120 -3.36 -33.09 -31.66
N SER C 121 -3.59 -34.39 -31.75
CA SER C 121 -3.20 -35.17 -32.92
C SER C 121 -4.24 -35.02 -34.04
N ALA C 122 -5.40 -34.47 -33.68
CA ALA C 122 -6.48 -34.23 -34.63
C ALA C 122 -6.18 -33.06 -35.55
N SER C 123 -6.83 -33.06 -36.69
CA SER C 123 -6.74 -31.93 -37.60
C SER C 123 -8.12 -31.40 -37.94
N THR C 124 -8.14 -30.30 -38.68
CA THR C 124 -9.35 -29.58 -39.04
C THR C 124 -10.47 -30.50 -39.52
N LYS C 125 -11.64 -30.34 -38.92
CA LYS C 125 -12.77 -31.19 -39.21
C LYS C 125 -14.03 -30.44 -38.86
N GLY C 126 -15.01 -30.47 -39.77
CA GLY C 126 -16.30 -29.86 -39.54
C GLY C 126 -17.13 -30.75 -38.65
N PRO C 127 -18.10 -30.15 -37.94
CA PRO C 127 -18.99 -30.90 -37.03
C PRO C 127 -20.07 -31.70 -37.75
N SER C 128 -20.55 -32.76 -37.11
CA SER C 128 -21.86 -33.33 -37.41
C SER C 128 -22.87 -32.73 -36.43
N VAL C 129 -24.08 -32.49 -36.92
CA VAL C 129 -25.11 -31.89 -36.10
C VAL C 129 -26.29 -32.84 -35.99
N PHE C 130 -26.64 -33.17 -34.75
CA PHE C 130 -27.73 -34.11 -34.46
C PHE C 130 -28.86 -33.42 -33.70
N PRO C 131 -30.12 -33.76 -34.03
CA PRO C 131 -31.26 -33.15 -33.34
C PRO C 131 -31.49 -33.79 -31.98
N LEU C 132 -31.64 -32.93 -30.99
CA LEU C 132 -32.06 -33.34 -29.66
C LEU C 132 -33.54 -33.02 -29.57
N ALA C 133 -34.36 -33.97 -29.99
CA ALA C 133 -35.78 -33.72 -30.17
C ALA C 133 -36.55 -33.60 -28.87
N PRO C 134 -37.53 -32.68 -28.85
CA PRO C 134 -38.49 -32.60 -27.74
C PRO C 134 -39.46 -33.78 -27.75
N SER C 135 -39.94 -34.13 -26.57
CA SER C 135 -40.85 -35.25 -26.38
C SER C 135 -41.56 -35.03 -25.06
N SER C 136 -42.33 -36.03 -24.63
CA SER C 136 -43.03 -35.95 -23.36
C SER C 136 -42.05 -35.94 -22.19
N LYS C 137 -40.89 -36.54 -22.40
CA LYS C 137 -39.85 -36.59 -21.38
C LYS C 137 -39.06 -35.30 -21.32
N SER C 138 -39.33 -34.40 -22.25
CA SER C 138 -38.62 -33.12 -22.30
C SER C 138 -39.58 -31.96 -22.07
N THR C 139 -40.78 -32.24 -21.58
CA THR C 139 -41.76 -31.16 -21.36
C THR C 139 -42.19 -30.97 -19.90
N SER C 140 -42.04 -29.74 -19.41
CA SER C 140 -42.45 -29.40 -18.05
C SER C 140 -43.06 -28.01 -17.92
N GLY C 141 -44.18 -27.91 -17.19
CA GLY C 141 -44.83 -26.63 -16.94
C GLY C 141 -45.13 -25.79 -18.17
N GLY C 142 -45.67 -26.41 -19.21
CA GLY C 142 -45.94 -25.72 -20.45
C GLY C 142 -44.72 -25.37 -21.29
N THR C 143 -43.57 -25.92 -20.90
CA THR C 143 -42.35 -25.69 -21.67
C THR C 143 -41.67 -27.01 -22.09
N ALA C 144 -41.19 -27.04 -23.32
CA ALA C 144 -40.45 -28.21 -23.81
C ALA C 144 -39.02 -27.78 -24.12
N ALA C 145 -38.05 -28.60 -23.72
CA ALA C 145 -36.66 -28.36 -24.12
C ALA C 145 -36.30 -29.15 -25.39
N LEU C 146 -35.58 -28.50 -26.28
CA LEU C 146 -35.00 -29.15 -27.42
C LEU C 146 -33.63 -28.60 -27.74
N GLY C 147 -32.84 -29.30 -28.52
CA GLY C 147 -31.53 -28.76 -28.79
C GLY C 147 -30.89 -29.43 -29.97
N CYS C 148 -29.62 -29.11 -30.15
CA CYS C 148 -28.76 -29.75 -31.13
C CYS C 148 -27.37 -30.12 -30.58
N LEU C 149 -26.97 -31.37 -30.77
CA LEU C 149 -25.66 -31.86 -30.39
C LEU C 149 -24.73 -31.56 -31.56
N VAL C 150 -23.71 -30.74 -31.32
CA VAL C 150 -22.74 -30.43 -32.35
C VAL C 150 -21.47 -31.20 -32.09
N LYS C 151 -21.21 -32.24 -32.90
CA LYS C 151 -20.14 -33.15 -32.54
C LYS C 151 -19.00 -33.41 -33.51
N ASP C 152 -17.85 -33.69 -32.91
CA ASP C 152 -16.65 -34.12 -33.62
C ASP C 152 -16.10 -33.07 -34.58
N TYR C 153 -15.74 -31.91 -34.03
CA TYR C 153 -15.14 -30.84 -34.83
C TYR C 153 -13.79 -30.41 -34.25
N PHE C 154 -12.97 -29.80 -35.09
CA PHE C 154 -11.65 -29.29 -34.70
C PHE C 154 -11.22 -28.21 -35.68
N PRO C 155 -10.60 -27.13 -35.19
CA PRO C 155 -10.49 -26.77 -33.77
C PRO C 155 -11.67 -25.89 -33.33
N GLU C 156 -11.65 -25.37 -32.12
CA GLU C 156 -12.66 -24.40 -31.68
C GLU C 156 -12.50 -23.11 -32.52
N PRO C 157 -13.56 -22.28 -32.61
CA PRO C 157 -14.90 -22.42 -32.04
C PRO C 157 -15.98 -22.76 -33.06
N VAL C 158 -17.07 -23.31 -32.55
CA VAL C 158 -18.34 -23.39 -33.26
C VAL C 158 -19.24 -22.33 -32.67
N THR C 159 -20.01 -21.63 -33.51
CA THR C 159 -21.07 -20.75 -33.03
C THR C 159 -22.44 -21.31 -33.41
N VAL C 160 -23.45 -21.05 -32.59
CA VAL C 160 -24.79 -21.58 -32.80
C VAL C 160 -25.82 -20.49 -32.57
N SER C 161 -26.73 -20.35 -33.53
CA SER C 161 -27.92 -19.53 -33.34
C SER C 161 -29.13 -20.40 -33.61
N TRP C 162 -30.30 -19.83 -33.42
CA TRP C 162 -31.54 -20.54 -33.61
C TRP C 162 -32.41 -19.65 -34.47
N ASN C 163 -33.09 -20.27 -35.44
CA ASN C 163 -33.93 -19.53 -36.35
C ASN C 163 -33.24 -18.31 -36.93
N SER C 164 -31.98 -18.50 -37.33
CA SER C 164 -31.17 -17.46 -37.95
C SER C 164 -31.05 -16.18 -37.13
N GLY C 165 -31.17 -16.32 -35.81
CA GLY C 165 -31.04 -15.17 -34.93
C GLY C 165 -32.34 -14.64 -34.34
N ALA C 166 -33.48 -15.11 -34.88
CA ALA C 166 -34.80 -14.64 -34.45
C ALA C 166 -35.20 -15.16 -33.07
N LEU C 167 -34.70 -16.34 -32.72
CA LEU C 167 -34.96 -16.94 -31.43
C LEU C 167 -33.71 -16.87 -30.57
N THR C 168 -33.73 -15.95 -29.60
CA THR C 168 -32.61 -15.78 -28.68
C THR C 168 -33.03 -16.07 -27.25
N SER C 169 -34.34 -16.02 -27.00
CA SER C 169 -34.88 -16.27 -25.67
C SER C 169 -34.90 -17.74 -25.33
N GLY C 170 -34.41 -18.08 -24.14
CA GLY C 170 -34.41 -19.45 -23.67
C GLY C 170 -33.27 -20.28 -24.23
N VAL C 171 -32.36 -19.66 -24.96
CA VAL C 171 -31.21 -20.38 -25.54
C VAL C 171 -29.96 -20.38 -24.65
N HIS C 172 -29.36 -21.55 -24.45
CA HIS C 172 -28.07 -21.67 -23.79
C HIS C 172 -27.18 -22.57 -24.62
N THR C 173 -26.08 -22.04 -25.12
CA THR C 173 -25.09 -22.85 -25.80
C THR C 173 -23.96 -23.15 -24.80
N PHE C 174 -23.64 -24.43 -24.61
CA PHE C 174 -22.70 -24.85 -23.57
C PHE C 174 -21.25 -24.81 -24.04
N PRO C 175 -20.29 -24.82 -23.10
CA PRO C 175 -18.88 -24.95 -23.53
C PRO C 175 -18.59 -26.30 -24.22
N ALA C 176 -17.53 -26.35 -24.99
CA ALA C 176 -17.14 -27.59 -25.65
C ALA C 176 -16.61 -28.57 -24.63
N VAL C 177 -16.81 -29.85 -24.90
CA VAL C 177 -16.04 -30.88 -24.24
C VAL C 177 -14.99 -31.40 -25.22
N LEU C 178 -13.75 -31.54 -24.74
CA LEU C 178 -12.72 -32.21 -25.52
C LEU C 178 -12.76 -33.71 -25.28
N GLN C 179 -12.98 -34.45 -26.34
CA GLN C 179 -13.03 -35.89 -26.27
C GLN C 179 -11.65 -36.52 -26.46
N SER C 180 -11.51 -37.78 -26.13
CA SER C 180 -10.20 -38.42 -26.20
C SER C 180 -9.71 -38.52 -27.64
N SER C 181 -10.62 -38.35 -28.59
CA SER C 181 -10.28 -38.38 -30.02
C SER C 181 -9.47 -37.15 -30.38
N GLY C 182 -9.51 -36.15 -29.50
CA GLY C 182 -8.92 -34.86 -29.79
C GLY C 182 -9.88 -33.95 -30.53
N LEU C 183 -11.10 -34.44 -30.76
CA LEU C 183 -12.17 -33.61 -31.32
C LEU C 183 -13.09 -33.07 -30.22
N TYR C 184 -13.72 -31.93 -30.49
CA TYR C 184 -14.64 -31.31 -29.55
C TYR C 184 -16.08 -31.68 -29.87
N SER C 185 -16.93 -31.61 -28.85
CA SER C 185 -18.38 -31.56 -29.07
C SER C 185 -18.93 -30.47 -28.19
N LEU C 186 -20.09 -29.95 -28.56
CA LEU C 186 -20.84 -29.13 -27.64
C LEU C 186 -22.35 -29.33 -27.89
N SER C 187 -23.17 -28.73 -27.03
CA SER C 187 -24.62 -28.75 -27.18
C SER C 187 -25.23 -27.36 -27.04
N SER C 188 -26.30 -27.11 -27.79
CA SER C 188 -27.08 -25.89 -27.61
C SER C 188 -28.51 -26.29 -27.28
N VAL C 189 -29.09 -25.71 -26.24
CA VAL C 189 -30.47 -26.01 -25.90
C VAL C 189 -31.29 -24.73 -25.94
N VAL C 190 -32.57 -24.89 -26.30
CA VAL C 190 -33.56 -23.83 -26.16
C VAL C 190 -34.82 -24.36 -25.48
N THR C 191 -35.37 -23.55 -24.57
CA THR C 191 -36.62 -23.88 -23.90
C THR C 191 -37.76 -23.06 -24.51
N VAL C 192 -38.86 -23.73 -24.84
CA VAL C 192 -39.95 -23.09 -25.57
C VAL C 192 -41.29 -23.55 -25.01
N PRO C 193 -42.36 -22.76 -25.26
CA PRO C 193 -43.68 -23.27 -24.86
C PRO C 193 -44.08 -24.51 -25.68
N SER C 194 -44.52 -25.55 -24.98
CA SER C 194 -44.93 -26.80 -25.60
C SER C 194 -45.90 -26.59 -26.75
N SER C 195 -46.80 -25.63 -26.60
CA SER C 195 -47.87 -25.47 -27.58
C SER C 195 -47.42 -24.77 -28.87
N SER C 196 -46.18 -24.27 -28.87
CA SER C 196 -45.61 -23.65 -30.07
C SER C 196 -45.04 -24.72 -31.00
N LEU C 197 -45.00 -25.95 -30.53
CA LEU C 197 -44.78 -27.08 -31.38
C LEU C 197 -46.15 -27.53 -31.91
N GLY C 198 -46.33 -27.71 -33.19
CA GLY C 198 -45.32 -27.41 -34.19
C GLY C 198 -45.98 -26.42 -35.12
N THR C 199 -46.56 -25.38 -34.51
CA THR C 199 -46.94 -24.19 -35.22
C THR C 199 -45.69 -23.36 -35.49
N GLN C 200 -44.67 -23.57 -34.65
CA GLN C 200 -43.37 -22.92 -34.83
C GLN C 200 -42.27 -23.90 -35.25
N THR C 201 -41.56 -23.53 -36.30
CA THR C 201 -40.39 -24.27 -36.82
C THR C 201 -39.12 -23.93 -36.02
N TYR C 202 -38.36 -24.94 -35.61
CA TYR C 202 -37.11 -24.69 -34.90
C TYR C 202 -35.93 -25.31 -35.63
N ILE C 203 -34.96 -24.46 -35.94
CA ILE C 203 -33.78 -24.86 -36.67
C ILE C 203 -32.57 -24.30 -35.95
N CYS C 204 -31.56 -25.14 -35.71
CA CYS C 204 -30.30 -24.63 -35.17
C CYS C 204 -29.30 -24.44 -36.29
N ASN C 205 -28.68 -23.27 -36.30
CA ASN C 205 -27.71 -22.93 -37.31
C ASN C 205 -26.32 -22.95 -36.70
N VAL C 206 -25.52 -23.90 -37.16
CA VAL C 206 -24.21 -24.13 -36.60
C VAL C 206 -23.16 -23.66 -37.59
N ASN C 207 -22.21 -22.89 -37.09
CA ASN C 207 -21.13 -22.36 -37.89
C ASN C 207 -19.75 -22.80 -37.40
N HIS C 208 -18.97 -23.42 -38.27
CA HIS C 208 -17.59 -23.76 -37.94
C HIS C 208 -16.67 -23.13 -38.95
N LYS C 209 -16.20 -21.92 -38.66
CA LYS C 209 -15.36 -21.19 -39.59
C LYS C 209 -14.05 -21.85 -39.97
N PRO C 210 -13.38 -22.53 -39.04
CA PRO C 210 -12.08 -23.10 -39.42
C PRO C 210 -12.17 -24.16 -40.51
N SER C 211 -13.32 -24.80 -40.66
CA SER C 211 -13.47 -25.79 -41.71
C SER C 211 -14.37 -25.27 -42.82
N ASN C 212 -14.80 -24.02 -42.69
CA ASN C 212 -15.73 -23.42 -43.65
C ASN C 212 -16.99 -24.28 -43.74
N THR C 213 -17.56 -24.59 -42.58
CA THR C 213 -18.77 -25.40 -42.50
C THR C 213 -19.95 -24.56 -42.00
N LYS C 214 -21.12 -24.80 -42.59
CA LYS C 214 -22.39 -24.30 -42.06
C LYS C 214 -23.44 -25.38 -42.15
N VAL C 215 -24.04 -25.73 -41.02
CA VAL C 215 -25.07 -26.76 -41.00
C VAL C 215 -26.35 -26.27 -40.33
N ASP C 216 -27.48 -26.35 -41.05
CA ASP C 216 -28.79 -26.02 -40.47
C ASP C 216 -29.56 -27.31 -40.20
N LYS C 217 -30.02 -27.46 -38.96
CA LYS C 217 -30.69 -28.68 -38.55
C LYS C 217 -32.07 -28.34 -38.01
N ARG C 218 -33.09 -28.89 -38.64
CA ARG C 218 -34.45 -28.72 -38.14
C ARG C 218 -34.66 -29.71 -37.01
N VAL C 219 -35.17 -29.23 -35.88
CA VAL C 219 -35.40 -30.07 -34.74
C VAL C 219 -36.89 -30.29 -34.45
N GLU C 220 -37.32 -31.53 -34.57
CA GLU C 220 -38.74 -31.85 -34.59
C GLU C 220 -38.95 -32.93 -33.56
N PRO C 221 -40.13 -32.96 -32.91
CA PRO C 221 -40.49 -34.15 -32.15
C PRO C 221 -40.49 -35.34 -33.08
N LYS C 222 -40.24 -36.51 -32.54
CA LYS C 222 -40.16 -37.68 -33.38
C LYS C 222 -41.23 -38.69 -33.13
N SER C 223 -41.35 -39.62 -34.05
CA SER C 223 -42.45 -40.56 -33.91
C SER C 223 -42.02 -42.01 -34.21
N CYS C 224 -42.83 -42.97 -33.78
CA CYS C 224 -42.47 -44.38 -33.89
C CYS C 224 -43.12 -45.05 -35.11
N SER D 2 0.00 -28.79 -4.24
CA SER D 2 -0.33 -29.18 -2.89
C SER D 2 0.67 -28.73 -1.83
N ALA D 3 1.64 -27.91 -2.19
CA ALA D 3 2.54 -27.35 -1.18
C ALA D 3 1.83 -26.33 -0.29
N LEU D 4 0.95 -25.53 -0.89
CA LEU D 4 0.10 -24.60 -0.17
C LEU D 4 -1.32 -25.13 -0.25
N THR D 5 -1.96 -25.27 0.90
CA THR D 5 -3.31 -25.81 0.97
C THR D 5 -4.39 -24.76 1.22
N GLN D 6 -5.40 -24.77 0.36
CA GLN D 6 -6.53 -23.86 0.46
C GLN D 6 -7.81 -24.68 0.40
N PRO D 7 -8.83 -24.27 1.19
CA PRO D 7 -10.16 -24.86 1.03
C PRO D 7 -10.60 -24.69 -0.41
N PRO D 8 -11.15 -25.74 -1.04
CA PRO D 8 -11.55 -25.64 -2.45
C PRO D 8 -12.72 -24.68 -2.63
N ALA D 9 -13.57 -24.57 -1.62
CA ALA D 9 -14.72 -23.69 -1.68
C ALA D 9 -15.04 -23.02 -0.34
N VAL D 10 -15.46 -21.77 -0.44
CA VAL D 10 -15.85 -20.97 0.72
C VAL D 10 -17.02 -20.15 0.23
N SER D 11 -17.99 -19.86 1.10
CA SER D 11 -19.13 -19.04 0.69
C SER D 11 -19.61 -18.10 1.79
N GLY D 12 -20.36 -17.09 1.38
CA GLY D 12 -20.89 -16.10 2.31
C GLY D 12 -21.99 -15.31 1.66
N THR D 13 -22.77 -14.61 2.47
CA THR D 13 -23.83 -13.74 1.97
C THR D 13 -23.32 -12.32 1.87
N PRO D 14 -24.00 -11.48 1.09
CA PRO D 14 -23.58 -10.09 0.91
C PRO D 14 -23.54 -9.26 2.20
N GLY D 15 -22.45 -8.51 2.38
CA GLY D 15 -22.28 -7.68 3.55
C GLY D 15 -21.51 -8.38 4.65
N GLN D 16 -21.33 -9.68 4.51
CA GLN D 16 -20.62 -10.43 5.53
C GLN D 16 -19.11 -10.34 5.33
N ARG D 17 -18.40 -10.68 6.40
CA ARG D 17 -16.96 -10.80 6.31
C ARG D 17 -16.63 -12.24 6.04
N VAL D 18 -15.70 -12.49 5.14
CA VAL D 18 -15.31 -13.85 4.80
C VAL D 18 -13.79 -13.92 4.89
N THR D 19 -13.26 -15.10 5.22
CA THR D 19 -11.82 -15.30 5.23
C THR D 19 -11.45 -16.59 4.49
N ILE D 20 -10.35 -16.57 3.77
CA ILE D 20 -9.86 -17.76 3.09
C ILE D 20 -8.49 -18.10 3.63
N SER D 21 -8.29 -19.33 4.06
CA SER D 21 -7.02 -19.71 4.63
C SER D 21 -6.03 -20.32 3.63
N CYS D 22 -4.78 -20.34 4.03
CA CYS D 22 -3.68 -20.86 3.23
C CYS D 22 -2.65 -21.38 4.19
N SER D 23 -2.38 -22.68 4.16
CA SER D 23 -1.33 -23.20 5.02
C SER D 23 -0.19 -23.83 4.21
N GLY D 24 1.03 -23.53 4.62
CA GLY D 24 2.21 -24.04 3.95
C GLY D 24 3.13 -24.67 4.99
N SER D 25 4.44 -24.50 4.80
CA SER D 25 5.44 -25.04 5.71
C SER D 25 6.51 -24.02 6.00
N ASP D 26 7.60 -24.45 6.64
CA ASP D 26 8.70 -23.55 6.90
C ASP D 26 9.54 -23.25 5.69
N SER D 27 9.38 -24.03 4.63
CA SER D 27 10.09 -23.80 3.37
C SER D 27 9.49 -22.64 2.58
N ASN D 28 8.19 -22.43 2.72
CA ASN D 28 7.54 -21.33 2.03
C ASN D 28 7.01 -20.23 2.96
N ILE D 29 5.77 -20.35 3.41
CA ILE D 29 5.14 -19.36 4.30
C ILE D 29 5.95 -19.10 5.58
N GLY D 30 6.66 -20.12 6.06
CA GLY D 30 7.48 -19.94 7.24
C GLY D 30 8.54 -18.87 7.04
N ARG D 31 9.11 -18.84 5.84
CA ARG D 31 10.29 -18.02 5.58
C ARG D 31 10.10 -16.88 4.59
N ARG D 32 8.98 -16.90 3.86
CA ARG D 32 8.77 -15.97 2.76
C ARG D 32 7.46 -15.21 2.91
N SER D 33 7.32 -14.12 2.15
CA SER D 33 6.06 -13.39 2.10
C SER D 33 4.99 -14.13 1.26
N VAL D 34 3.74 -13.98 1.65
CA VAL D 34 2.61 -14.52 0.90
C VAL D 34 2.01 -13.48 -0.05
N ASN D 35 1.62 -13.93 -1.24
CA ASN D 35 0.89 -13.08 -2.16
C ASN D 35 -0.44 -13.72 -2.43
N TRP D 36 -1.46 -12.90 -2.73
CA TRP D 36 -2.76 -13.41 -3.10
C TRP D 36 -3.16 -12.92 -4.47
N TYR D 37 -3.81 -13.80 -5.25
CA TYR D 37 -4.30 -13.51 -6.60
C TYR D 37 -5.79 -13.77 -6.72
N GLN D 38 -6.46 -12.99 -7.57
CA GLN D 38 -7.89 -13.16 -7.84
C GLN D 38 -8.15 -13.40 -9.32
N GLN D 39 -9.01 -14.36 -9.63
CA GLN D 39 -9.26 -14.68 -11.03
C GLN D 39 -10.73 -14.93 -11.34
N PHE D 40 -11.25 -14.13 -12.24
CA PHE D 40 -12.58 -14.31 -12.73
C PHE D 40 -12.44 -15.27 -13.88
N PRO D 41 -13.50 -16.04 -14.17
CA PRO D 41 -13.37 -17.02 -15.23
C PRO D 41 -13.05 -16.39 -16.61
N GLY D 42 -12.11 -16.98 -17.34
CA GLY D 42 -11.79 -16.50 -18.67
C GLY D 42 -10.79 -15.34 -18.74
N THR D 43 -10.34 -14.85 -17.59
CA THR D 43 -9.42 -13.74 -17.58
C THR D 43 -8.15 -14.08 -16.82
N ALA D 44 -7.18 -13.18 -16.92
CA ALA D 44 -5.92 -13.34 -16.20
C ALA D 44 -6.17 -13.13 -14.72
N PRO D 45 -5.34 -13.79 -13.89
CA PRO D 45 -5.34 -13.52 -12.46
C PRO D 45 -4.89 -12.07 -12.23
N LYS D 46 -5.28 -11.48 -11.12
CA LYS D 46 -4.68 -10.22 -10.72
C LYS D 46 -4.18 -10.27 -9.30
N LEU D 47 -3.14 -9.50 -9.04
CA LEU D 47 -2.58 -9.36 -7.71
C LEU D 47 -3.56 -8.64 -6.76
N LEU D 48 -3.80 -9.25 -5.62
CA LEU D 48 -4.77 -8.77 -4.66
C LEU D 48 -4.03 -8.30 -3.44
N ILE D 49 -3.06 -9.12 -3.00
CA ILE D 49 -2.23 -8.82 -1.84
C ILE D 49 -0.79 -9.26 -2.13
N TYR D 50 0.16 -8.45 -1.66
CA TYR D 50 1.57 -8.78 -1.82
C TYR D 50 2.25 -8.46 -0.50
N SER D 51 3.36 -9.12 -0.21
CA SER D 51 4.07 -8.88 1.05
C SER D 51 3.13 -9.13 2.23
N ASN D 52 2.31 -10.16 2.10
CA ASN D 52 1.35 -10.56 3.14
C ASN D 52 0.11 -9.67 3.31
N ASP D 53 0.31 -8.39 3.60
CA ASP D 53 -0.82 -7.48 3.82
C ASP D 53 -0.85 -6.18 3.01
N GLN D 54 -0.06 -6.05 1.96
CA GLN D 54 -0.05 -4.79 1.21
C GLN D 54 -0.96 -4.89 -0.01
N ARG D 55 -1.71 -3.83 -0.30
CA ARG D 55 -2.65 -3.81 -1.42
CA ARG D 55 -2.65 -3.81 -1.42
C ARG D 55 -2.16 -2.93 -2.55
N PRO D 56 -2.31 -3.42 -3.80
CA PRO D 56 -2.19 -2.52 -4.95
C PRO D 56 -3.21 -1.39 -4.82
N SER D 57 -2.90 -0.26 -5.42
CA SER D 57 -3.76 0.91 -5.39
C SER D 57 -5.18 0.67 -5.83
N VAL D 58 -5.34 -0.16 -6.84
CA VAL D 58 -6.66 -0.37 -7.45
C VAL D 58 -7.53 -1.36 -6.68
N VAL D 59 -6.97 -1.97 -5.65
CA VAL D 59 -7.69 -2.98 -4.90
C VAL D 59 -8.42 -2.33 -3.74
N PRO D 60 -9.74 -2.51 -3.67
CA PRO D 60 -10.59 -1.98 -2.60
C PRO D 60 -10.03 -2.34 -1.24
N ASP D 61 -10.19 -1.46 -0.26
CA ASP D 61 -9.62 -1.63 1.07
C ASP D 61 -10.32 -2.72 1.90
N ARG D 62 -11.39 -3.27 1.37
CA ARG D 62 -12.08 -4.36 2.02
C ARG D 62 -11.33 -5.72 1.89
N PHE D 63 -10.32 -5.77 1.04
CA PHE D 63 -9.45 -6.94 0.99
C PHE D 63 -8.28 -6.71 1.91
N SER D 64 -7.92 -7.72 2.69
CA SER D 64 -6.73 -7.62 3.50
C SER D 64 -6.14 -9.00 3.73
N GLY D 65 -4.89 -9.04 4.17
CA GLY D 65 -4.21 -10.30 4.34
C GLY D 65 -3.42 -10.31 5.61
N SER D 66 -3.08 -11.51 6.09
CA SER D 66 -2.28 -11.64 7.29
C SER D 66 -1.46 -12.91 7.19
N LYS D 67 -0.29 -12.91 7.83
CA LYS D 67 0.55 -14.10 7.83
C LYS D 67 0.93 -14.49 9.25
N SER D 68 0.66 -15.73 9.60
CA SER D 68 1.03 -16.22 10.92
C SER D 68 1.79 -17.52 10.77
N GLY D 69 3.03 -17.54 11.24
CA GLY D 69 3.83 -18.75 11.19
C GLY D 69 3.91 -19.32 9.78
N THR D 70 3.31 -20.49 9.60
CA THR D 70 3.28 -21.16 8.31
C THR D 70 1.92 -21.00 7.65
N SER D 71 1.08 -20.16 8.26
CA SER D 71 -0.27 -19.92 7.75
C SER D 71 -0.53 -18.45 7.46
N ALA D 72 -1.25 -18.21 6.36
CA ALA D 72 -1.61 -16.87 5.95
C ALA D 72 -3.09 -16.89 5.58
N SER D 73 -3.76 -15.74 5.71
CA SER D 73 -5.17 -15.70 5.38
C SER D 73 -5.52 -14.44 4.63
N LEU D 74 -6.54 -14.56 3.78
CA LEU D 74 -7.07 -13.42 3.07
C LEU D 74 -8.43 -13.13 3.68
N ALA D 75 -8.69 -11.86 3.96
CA ALA D 75 -9.99 -11.46 4.48
C ALA D 75 -10.70 -10.51 3.52
N ILE D 76 -11.99 -10.75 3.31
CA ILE D 76 -12.83 -9.83 2.56
C ILE D 76 -13.99 -9.42 3.43
N SER D 77 -13.94 -8.21 3.97
CA SER D 77 -15.08 -7.63 4.66
C SER D 77 -16.10 -7.15 3.62
N GLY D 78 -17.32 -6.90 4.09
CA GLY D 78 -18.39 -6.40 3.24
C GLY D 78 -18.48 -7.08 1.89
N LEU D 79 -18.50 -8.41 1.91
CA LEU D 79 -18.62 -9.24 0.72
C LEU D 79 -19.59 -8.64 -0.31
N GLN D 80 -19.17 -8.62 -1.57
CA GLN D 80 -19.96 -8.07 -2.67
C GLN D 80 -20.14 -9.15 -3.73
N SER D 81 -21.18 -9.05 -4.54
CA SER D 81 -21.42 -10.09 -5.55
C SER D 81 -20.24 -10.22 -6.49
N GLU D 82 -19.67 -9.09 -6.85
CA GLU D 82 -18.49 -9.06 -7.73
C GLU D 82 -17.23 -9.72 -7.12
N ASP D 83 -17.28 -10.10 -5.86
CA ASP D 83 -16.14 -10.75 -5.22
C ASP D 83 -16.12 -12.24 -5.54
N GLU D 84 -17.21 -12.73 -6.13
CA GLU D 84 -17.30 -14.12 -6.56
C GLU D 84 -16.21 -14.36 -7.58
N ALA D 85 -15.28 -15.25 -7.26
CA ALA D 85 -14.13 -15.50 -8.12
C ALA D 85 -13.31 -16.60 -7.50
N GLU D 86 -12.21 -16.94 -8.15
CA GLU D 86 -11.28 -17.89 -7.58
C GLU D 86 -10.12 -17.14 -6.95
N TYR D 87 -9.67 -17.60 -5.78
CA TYR D 87 -8.55 -16.95 -5.10
C TYR D 87 -7.41 -17.92 -4.88
N TYR D 88 -6.18 -17.48 -5.16
CA TYR D 88 -4.99 -18.30 -4.99
C TYR D 88 -3.99 -17.63 -4.08
N CYS D 89 -3.51 -18.34 -3.07
CA CYS D 89 -2.32 -17.89 -2.37
C CYS D 89 -1.07 -18.37 -3.09
N ALA D 90 0.05 -17.70 -2.84
CA ALA D 90 1.30 -18.04 -3.49
C ALA D 90 2.44 -17.63 -2.59
N ALA D 91 3.56 -18.35 -2.66
CA ALA D 91 4.78 -17.97 -1.95
C ALA D 91 5.98 -18.69 -2.58
N TRP D 92 7.13 -18.04 -2.56
CA TRP D 92 8.35 -18.69 -3.01
C TRP D 92 8.72 -19.80 -2.04
N ASP D 93 9.17 -20.94 -2.56
CA ASP D 93 9.58 -22.07 -1.73
C ASP D 93 11.09 -22.18 -1.79
N ASP D 94 11.72 -22.26 -0.61
CA ASP D 94 13.18 -22.34 -0.50
C ASP D 94 13.68 -23.75 -0.73
N SER D 95 12.86 -24.71 -0.29
CA SER D 95 13.11 -26.13 -0.45
C SER D 95 13.05 -26.60 -1.91
N LEU D 96 12.10 -26.06 -2.66
CA LEU D 96 11.88 -26.46 -4.05
C LEU D 96 12.62 -25.51 -4.98
N LYS D 97 13.17 -24.44 -4.41
CA LYS D 97 13.64 -23.28 -5.17
C LYS D 97 12.70 -22.91 -6.33
N GLY D 98 11.42 -22.70 -6.01
CA GLY D 98 10.45 -22.28 -6.98
C GLY D 98 9.26 -21.60 -6.32
N ALA D 99 8.45 -20.91 -7.12
CA ALA D 99 7.20 -20.32 -6.66
C ALA D 99 6.09 -21.36 -6.60
N VAL D 100 5.32 -21.35 -5.53
CA VAL D 100 4.23 -22.30 -5.39
C VAL D 100 2.86 -21.61 -5.28
N PHE D 101 1.86 -22.22 -5.90
CA PHE D 101 0.49 -21.78 -5.77
C PHE D 101 -0.30 -22.73 -4.89
N GLY D 102 -1.27 -22.18 -4.16
CA GLY D 102 -2.30 -22.95 -3.50
C GLY D 102 -3.22 -23.47 -4.58
N GLY D 103 -4.07 -24.43 -4.21
CA GLY D 103 -4.96 -25.07 -5.16
C GLY D 103 -6.10 -24.19 -5.63
N GLY D 104 -6.33 -23.08 -4.95
CA GLY D 104 -7.39 -22.17 -5.35
C GLY D 104 -8.64 -22.35 -4.50
N THR D 105 -9.27 -21.23 -4.18
CA THR D 105 -10.56 -21.27 -3.48
C THR D 105 -11.60 -20.53 -4.28
N GLN D 106 -12.66 -21.23 -4.66
CA GLN D 106 -13.81 -20.57 -5.26
C GLN D 106 -14.64 -19.91 -4.16
N LEU D 107 -14.79 -18.61 -4.27
CA LEU D 107 -15.65 -17.89 -3.35
C LEU D 107 -17.00 -17.72 -4.03
N THR D 108 -18.02 -18.30 -3.42
CA THR D 108 -19.40 -18.09 -3.82
C THR D 108 -20.03 -17.03 -2.95
N VAL D 109 -20.60 -16.01 -3.57
CA VAL D 109 -21.37 -15.03 -2.85
C VAL D 109 -22.85 -15.32 -3.08
N LEU D 110 -23.52 -15.76 -2.02
CA LEU D 110 -24.91 -16.19 -2.12
C LEU D 110 -25.88 -15.02 -2.18
N GLY D 111 -26.18 -14.55 -3.39
CA GLY D 111 -27.05 -13.40 -3.56
C GLY D 111 -28.47 -13.76 -4.01
N GLN D 112 -28.82 -15.04 -3.99
CA GLN D 112 -30.10 -15.57 -4.48
C GLN D 112 -30.47 -16.75 -3.67
N PRO D 113 -31.77 -17.08 -3.62
CA PRO D 113 -32.15 -18.30 -2.90
C PRO D 113 -31.72 -19.53 -3.69
N LYS D 114 -31.59 -20.66 -3.00
CA LYS D 114 -31.34 -21.94 -3.65
C LYS D 114 -32.39 -22.21 -4.72
N ALA D 115 -31.93 -22.70 -5.87
CA ALA D 115 -32.84 -23.22 -6.89
C ALA D 115 -32.36 -24.57 -7.42
N ALA D 116 -33.25 -25.55 -7.39
CA ALA D 116 -32.94 -26.90 -7.84
C ALA D 116 -32.75 -26.94 -9.34
N PRO D 117 -31.90 -27.85 -9.81
CA PRO D 117 -31.61 -27.94 -11.25
C PRO D 117 -32.75 -28.55 -12.06
N SER D 118 -32.97 -28.01 -13.24
CA SER D 118 -33.84 -28.64 -14.22
C SER D 118 -32.98 -29.54 -15.08
N VAL D 119 -33.32 -30.84 -15.10
CA VAL D 119 -32.55 -31.83 -15.84
C VAL D 119 -33.38 -32.42 -16.97
N THR D 120 -32.82 -32.34 -18.17
CA THR D 120 -33.39 -33.02 -19.33
C THR D 120 -32.35 -33.98 -19.86
N LEU D 121 -32.73 -35.26 -19.93
CA LEU D 121 -31.88 -36.28 -20.52
C LEU D 121 -32.36 -36.66 -21.93
N PHE D 122 -31.53 -36.39 -22.94
CA PHE D 122 -31.81 -36.75 -24.32
C PHE D 122 -31.14 -38.07 -24.68
N PRO D 123 -31.92 -39.02 -25.20
CA PRO D 123 -31.35 -40.30 -25.63
C PRO D 123 -30.68 -40.06 -26.96
N PRO D 124 -29.95 -41.07 -27.46
CA PRO D 124 -29.30 -40.89 -28.76
C PRO D 124 -30.37 -40.66 -29.82
N SER D 125 -30.15 -39.67 -30.68
CA SER D 125 -31.04 -39.43 -31.81
C SER D 125 -30.97 -40.63 -32.77
N SER D 126 -32.09 -40.89 -33.44
CA SER D 126 -32.15 -41.92 -34.49
C SER D 126 -31.08 -41.69 -35.58
N GLU D 127 -30.86 -40.43 -35.95
CA GLU D 127 -29.81 -40.06 -36.89
C GLU D 127 -28.41 -40.50 -36.45
N GLU D 128 -28.09 -40.29 -35.18
CA GLU D 128 -26.77 -40.67 -34.68
C GLU D 128 -26.65 -42.20 -34.59
N LEU D 129 -27.72 -42.85 -34.16
CA LEU D 129 -27.72 -44.30 -34.01
C LEU D 129 -27.49 -44.93 -35.38
N GLN D 130 -28.14 -44.34 -36.38
CA GLN D 130 -28.02 -44.78 -37.75
C GLN D 130 -26.56 -44.76 -38.21
N ALA D 131 -25.79 -43.81 -37.68
CA ALA D 131 -24.40 -43.66 -38.06
C ALA D 131 -23.50 -44.39 -37.10
N ASN D 132 -24.04 -45.38 -36.41
CA ASN D 132 -23.25 -46.29 -35.56
C ASN D 132 -22.66 -45.61 -34.32
N LYS D 133 -23.25 -44.52 -33.90
CA LYS D 133 -22.87 -43.89 -32.65
C LYS D 133 -24.07 -43.69 -31.73
N ALA D 134 -23.79 -43.39 -30.46
CA ALA D 134 -24.82 -43.12 -29.47
C ALA D 134 -24.25 -42.20 -28.40
N THR D 135 -24.86 -41.03 -28.26
CA THR D 135 -24.50 -40.10 -27.19
C THR D 135 -25.75 -39.71 -26.40
N LEU D 136 -25.72 -39.97 -25.11
CA LEU D 136 -26.73 -39.47 -24.19
C LEU D 136 -26.31 -38.06 -23.80
N VAL D 137 -27.23 -37.13 -23.87
CA VAL D 137 -26.93 -35.76 -23.51
C VAL D 137 -27.77 -35.36 -22.30
N CYS D 138 -27.11 -34.98 -21.21
CA CYS D 138 -27.79 -34.53 -20.00
C CYS D 138 -27.59 -33.02 -19.85
N LEU D 139 -28.69 -32.29 -20.03
CA LEU D 139 -28.67 -30.86 -19.93
C LEU D 139 -29.24 -30.40 -18.60
N ILE D 140 -28.48 -29.61 -17.90
CA ILE D 140 -28.80 -29.22 -16.55
C ILE D 140 -28.84 -27.70 -16.47
N SER D 141 -29.93 -27.16 -15.94
CA SER D 141 -30.17 -25.72 -16.05
C SER D 141 -30.92 -25.17 -14.84
N ASP D 142 -30.82 -23.85 -14.68
CA ASP D 142 -31.65 -23.10 -13.74
C ASP D 142 -31.44 -23.49 -12.29
N PHE D 143 -30.19 -23.80 -11.92
CA PHE D 143 -29.88 -24.08 -10.53
C PHE D 143 -29.05 -22.98 -9.87
N TYR D 144 -29.13 -22.92 -8.55
CA TYR D 144 -28.34 -21.99 -7.75
C TYR D 144 -28.21 -22.53 -6.31
N PRO D 145 -26.98 -22.49 -5.73
CA PRO D 145 -25.75 -21.98 -6.35
C PRO D 145 -25.19 -22.90 -7.46
N GLY D 146 -24.14 -22.46 -8.14
CA GLY D 146 -23.71 -23.14 -9.36
C GLY D 146 -22.67 -24.25 -9.20
N ALA D 147 -23.01 -25.26 -8.41
CA ALA D 147 -22.12 -26.39 -8.22
C ALA D 147 -22.99 -27.61 -8.17
N VAL D 148 -22.73 -28.55 -9.06
CA VAL D 148 -23.45 -29.82 -9.03
C VAL D 148 -22.44 -30.96 -9.18
N THR D 149 -22.87 -32.16 -8.82
CA THR D 149 -22.14 -33.35 -9.25
C THR D 149 -23.07 -34.21 -10.09
N VAL D 150 -22.50 -34.80 -11.12
CA VAL D 150 -23.26 -35.64 -12.03
C VAL D 150 -22.74 -37.08 -11.92
N ALA D 151 -23.67 -38.03 -11.76
CA ALA D 151 -23.33 -39.45 -11.85
C ALA D 151 -24.20 -40.11 -12.91
N TRP D 152 -23.60 -41.01 -13.69
CA TRP D 152 -24.33 -41.76 -14.69
C TRP D 152 -24.57 -43.20 -14.25
N LYS D 153 -25.77 -43.72 -14.50
CA LYS D 153 -26.09 -45.12 -14.20
C LYS D 153 -26.45 -45.88 -15.48
N ALA D 154 -25.88 -47.06 -15.66
CA ALA D 154 -26.26 -47.93 -16.76
C ALA D 154 -27.12 -48.85 -15.94
N ASP D 155 -28.42 -48.90 -16.25
CA ASP D 155 -29.31 -49.68 -15.42
C ASP D 155 -29.14 -49.06 -14.03
N SER D 156 -28.83 -49.87 -13.02
CA SER D 156 -28.64 -49.36 -11.67
C SER D 156 -27.17 -49.23 -11.23
N SER D 157 -26.23 -49.41 -12.16
CA SER D 157 -24.81 -49.40 -11.84
C SER D 157 -24.11 -48.19 -12.40
N PRO D 158 -23.16 -47.67 -11.64
CA PRO D 158 -22.39 -46.50 -12.05
C PRO D 158 -21.69 -46.75 -13.37
N VAL D 159 -21.56 -45.70 -14.18
CA VAL D 159 -20.80 -45.73 -15.43
C VAL D 159 -19.79 -44.61 -15.37
N LYS D 160 -18.51 -44.92 -15.45
CA LYS D 160 -17.49 -43.87 -15.38
C LYS D 160 -16.86 -43.64 -16.74
N ALA D 161 -16.74 -44.70 -17.54
CA ALA D 161 -16.10 -44.58 -18.85
C ALA D 161 -16.98 -43.82 -19.84
N GLY D 162 -16.34 -42.94 -20.61
CA GLY D 162 -17.02 -42.24 -21.68
C GLY D 162 -17.84 -41.05 -21.23
N VAL D 163 -17.64 -40.60 -19.99
CA VAL D 163 -18.34 -39.42 -19.51
C VAL D 163 -17.49 -38.17 -19.68
N GLU D 164 -18.09 -37.12 -20.22
CA GLU D 164 -17.48 -35.78 -20.21
C GLU D 164 -18.48 -34.79 -19.65
N THR D 165 -18.00 -33.88 -18.80
CA THR D 165 -18.87 -32.94 -18.12
C THR D 165 -18.30 -31.51 -18.16
N THR D 166 -19.16 -30.54 -18.50
CA THR D 166 -18.75 -29.13 -18.45
C THR D 166 -18.84 -28.53 -17.02
N THR D 167 -18.00 -27.56 -16.72
CA THR D 167 -18.13 -26.87 -15.44
C THR D 167 -19.26 -25.84 -15.57
N PRO D 168 -20.09 -25.71 -14.53
CA PRO D 168 -21.27 -24.84 -14.65
C PRO D 168 -20.95 -23.43 -15.14
N SER D 169 -21.82 -22.88 -15.98
CA SER D 169 -21.73 -21.54 -16.54
C SER D 169 -23.00 -20.78 -16.20
N LYS D 170 -22.87 -19.47 -16.05
CA LYS D 170 -24.01 -18.62 -15.77
C LYS D 170 -24.93 -18.45 -16.97
N GLN D 171 -26.25 -18.57 -16.75
CA GLN D 171 -27.20 -18.19 -17.79
C GLN D 171 -27.49 -16.68 -17.70
N SER D 172 -28.13 -16.14 -18.74
CA SER D 172 -28.56 -14.74 -18.78
C SER D 172 -29.30 -14.29 -17.54
N ASN D 173 -30.14 -15.18 -17.00
CA ASN D 173 -30.88 -14.89 -15.76
C ASN D 173 -30.05 -15.06 -14.46
N ASN D 174 -28.76 -15.31 -14.62
CA ASN D 174 -27.81 -15.43 -13.49
C ASN D 174 -27.98 -16.64 -12.58
N LYS D 175 -28.87 -17.55 -12.95
CA LYS D 175 -28.76 -18.91 -12.45
C LYS D 175 -27.79 -19.69 -13.37
N TYR D 176 -27.51 -20.94 -13.06
CA TYR D 176 -26.42 -21.67 -13.71
C TYR D 176 -26.89 -22.84 -14.55
N ALA D 177 -26.04 -23.27 -15.47
CA ALA D 177 -26.30 -24.45 -16.28
C ALA D 177 -25.04 -25.28 -16.45
N ALA D 178 -25.23 -26.58 -16.66
CA ALA D 178 -24.13 -27.50 -16.97
C ALA D 178 -24.62 -28.57 -17.94
N SER D 179 -23.68 -29.28 -18.53
CA SER D 179 -24.01 -30.40 -19.41
C SER D 179 -23.12 -31.58 -19.10
N SER D 180 -23.62 -32.78 -19.37
CA SER D 180 -22.81 -34.00 -19.22
C SER D 180 -23.18 -34.96 -20.36
N TYR D 181 -22.19 -35.71 -20.85
CA TYR D 181 -22.38 -36.63 -21.96
C TYR D 181 -21.90 -38.02 -21.63
N LEU D 182 -22.71 -39.01 -21.97
CA LEU D 182 -22.26 -40.40 -21.89
C LEU D 182 -22.16 -40.94 -23.30
N SER D 183 -20.93 -41.11 -23.79
CA SER D 183 -20.72 -41.66 -25.12
C SER D 183 -20.69 -43.18 -25.04
N LEU D 184 -21.53 -43.84 -25.82
CA LEU D 184 -21.57 -45.29 -25.78
C LEU D 184 -21.71 -45.89 -27.16
N THR D 185 -21.41 -47.18 -27.25
CA THR D 185 -21.55 -47.87 -28.52
C THR D 185 -23.03 -48.14 -28.73
N PRO D 186 -23.48 -48.26 -30.00
CA PRO D 186 -24.90 -48.59 -30.13
C PRO D 186 -25.27 -49.89 -29.42
N GLU D 187 -24.34 -50.83 -29.38
CA GLU D 187 -24.57 -52.09 -28.68
C GLU D 187 -24.72 -51.90 -27.16
N GLN D 188 -23.77 -51.16 -26.55
CA GLN D 188 -23.86 -50.84 -25.13
C GLN D 188 -25.22 -50.26 -24.79
N TRP D 189 -25.68 -49.35 -25.64
CA TRP D 189 -26.95 -48.66 -25.48
C TRP D 189 -28.18 -49.56 -25.51
N LYS D 190 -28.22 -50.48 -26.46
CA LYS D 190 -29.36 -51.39 -26.59
C LYS D 190 -29.28 -52.62 -25.67
N SER D 191 -28.14 -52.81 -25.02
CA SER D 191 -27.95 -53.95 -24.13
C SER D 191 -28.49 -53.73 -22.72
N HIS D 192 -28.75 -52.48 -22.35
CA HIS D 192 -29.31 -52.18 -21.04
C HIS D 192 -30.78 -51.81 -21.16
N ARG D 193 -31.54 -51.99 -20.08
CA ARG D 193 -32.95 -51.64 -20.10
C ARG D 193 -33.11 -50.13 -19.92
N SER D 194 -32.21 -49.51 -19.17
CA SER D 194 -32.23 -48.05 -19.01
C SER D 194 -30.88 -47.43 -18.70
N TYR D 195 -30.81 -46.10 -18.84
CA TYR D 195 -29.67 -45.30 -18.42
C TYR D 195 -30.19 -44.06 -17.69
N SER D 196 -29.42 -43.57 -16.73
CA SER D 196 -29.87 -42.42 -15.96
C SER D 196 -28.79 -41.37 -15.76
N CYS D 197 -29.23 -40.12 -15.71
CA CYS D 197 -28.38 -39.01 -15.34
C CYS D 197 -28.85 -38.53 -13.97
N GLN D 198 -27.92 -38.51 -13.01
CA GLN D 198 -28.26 -38.08 -11.65
C GLN D 198 -27.47 -36.84 -11.21
N VAL D 199 -28.19 -35.74 -11.01
CA VAL D 199 -27.59 -34.47 -10.62
C VAL D 199 -27.87 -34.22 -9.16
N THR D 200 -26.81 -34.20 -8.36
CA THR D 200 -26.91 -33.87 -6.96
C THR D 200 -26.55 -32.42 -6.79
N HIS D 201 -27.39 -31.69 -6.07
CA HIS D 201 -27.19 -30.28 -5.88
C HIS D 201 -27.62 -29.93 -4.47
N GLU D 202 -26.71 -29.33 -3.70
CA GLU D 202 -26.98 -28.97 -2.30
C GLU D 202 -27.59 -30.13 -1.55
N GLY D 203 -27.03 -31.31 -1.75
CA GLY D 203 -27.49 -32.49 -1.06
C GLY D 203 -28.76 -33.18 -1.55
N SER D 204 -29.36 -32.68 -2.62
CA SER D 204 -30.55 -33.32 -3.15
C SER D 204 -30.35 -33.70 -4.60
N THR D 205 -30.73 -34.91 -4.95
CA THR D 205 -30.47 -35.42 -6.28
C THR D 205 -31.71 -35.30 -7.14
N VAL D 206 -31.53 -34.83 -8.38
CA VAL D 206 -32.59 -34.89 -9.39
C VAL D 206 -32.12 -35.83 -10.48
N GLU D 207 -32.93 -36.84 -10.76
CA GLU D 207 -32.58 -37.84 -11.73
C GLU D 207 -33.51 -37.86 -12.96
N LYS D 208 -32.96 -38.20 -14.12
CA LYS D 208 -33.78 -38.47 -15.30
C LYS D 208 -33.32 -39.77 -15.94
N THR D 209 -34.27 -40.52 -16.52
CA THR D 209 -33.98 -41.84 -17.06
C THR D 209 -34.50 -41.97 -18.49
N VAL D 210 -33.70 -42.60 -19.37
CA VAL D 210 -34.15 -42.89 -20.72
C VAL D 210 -33.96 -44.37 -21.02
N ALA D 211 -34.78 -44.89 -21.92
CA ALA D 211 -34.73 -46.30 -22.30
C ALA D 211 -34.70 -46.51 -23.82
N PRO D 212 -33.86 -47.45 -24.29
CA PRO D 212 -33.70 -47.75 -25.73
C PRO D 212 -35.00 -48.16 -26.44
N THR D 213 -36.04 -48.49 -25.69
CA THR D 213 -37.33 -48.88 -26.25
C THR D 213 -38.23 -47.68 -26.61
C1 EDO E . 49.64 37.90 28.00
O1 EDO E . 49.09 36.80 27.28
C2 EDO E . 50.17 37.42 29.35
O2 EDO E . 49.12 36.73 30.05
N NO3 F . -4.82 7.15 1.20
O1 NO3 F . -3.65 7.80 1.65
O2 NO3 F . -4.96 6.79 -0.18
O3 NO3 F . -5.86 6.86 2.12
C1 EDO G . 0.19 8.03 -1.24
O1 EDO G . 0.49 6.66 -0.97
C2 EDO G . -0.70 8.58 -0.13
O2 EDO G . -1.99 7.98 -0.28
C1 EDO H . 1.36 20.49 20.04
O1 EDO H . 1.03 21.84 20.45
C2 EDO H . 2.30 19.84 21.08
O2 EDO H . 2.44 18.44 20.78
C1 EDO I . -14.31 11.54 1.35
O1 EDO I . -15.03 12.13 2.44
C2 EDO I . -14.11 12.63 0.32
O2 EDO I . -14.89 13.76 0.72
C1 EDO J . 12.66 13.31 24.17
O1 EDO J . 11.93 12.20 24.68
C2 EDO J . 14.08 12.80 23.94
O2 EDO J . 14.39 12.98 22.54
C1 EDO K . -12.28 15.83 18.92
O1 EDO K . -12.71 14.44 18.87
C2 EDO K . -12.91 16.65 17.77
O2 EDO K . -13.76 15.81 16.99
C1 EDO L . 5.68 -36.04 -26.14
O1 EDO L . 5.87 -35.18 -27.28
C2 EDO L . 6.88 -36.09 -25.21
O2 EDO L . 7.10 -37.48 -24.87
N NO3 M . 1.13 -0.06 -1.38
O1 NO3 M . 2.40 0.55 -1.42
O2 NO3 M . 0.24 0.06 -2.49
O3 NO3 M . 0.74 -0.77 -0.23
#